data_1N9A
#
_entry.id   1N9A
#
_cell.length_a   170.503
_cell.length_b   170.503
_cell.length_c   69.272
_cell.angle_alpha   90
_cell.angle_beta   90
_cell.angle_gamma   120
#
_symmetry.space_group_name_H-M   'P 61'
#
loop_
_entity.id
_entity.type
_entity.pdbx_description
1 polymer 'Protein farnesyltransferase alpha subunit'
2 polymer 'Protein farnesyltransferase beta subunit'
3 non-polymer 'ZINC ION'
4 non-polymer 'ALPHA-HYDROXYFARNESYLPHOSPHONIC ACID'
5 non-polymer 1-{2-[3-(4-CYANO-BENZYL)-3H-IMIDAZOL-4-YL]-ACETYL}-5-NAPHTHALEN-1-YL-1,2,3,6-TETRAHYDRO-PYRIDINE-4-CARBONITRILE
#
loop_
_entity_poly.entity_id
_entity_poly.type
_entity_poly.pdbx_seq_one_letter_code
_entity_poly.pdbx_strand_id
1 'polypeptide(L)'
;FLSLDSPTYVLYRDRAEWADIDPVPQNDGPSPVVQIIYSEKFRDVYDYFRAVLQRDERSERAFKLTRDAIELNAANYTVW
HFRRVLLRSLQKDLQEEMNYITAIIEEQPKNYQVWHHRRVLVEWLKDPSQELEFIADILNQDAKNYHAWQHRQWVIQEFR
LWDNELQYVDQLLKEDVRNNSVWNQRHFVISNTTGYSDRAVLEREVQYTLEMIKLVPHNESAWNYLKGILQDRGLSRYPN
LLNQLLDLQPSHSSPYLIAFLVDIYEDMLENQCDNKEDILNKALELCEILAKEKDTIRKEYWRYIGRSLQSKHSR
;
A
2 'polypeptide(L)'
;PLYSLRPEHARERLQDDSVETVTSIEQAKVEEKIQEVFSSYKFNHLVPRLVLQREKHFHYLKRGLRQLTDAYECLDASRP
WLCYWILHSLELLDEPIPQIVATDVCQFLELCQSPDGGFGGGPGQYPHLAPTYAAVNALCIIGTEEAYNVINREKLLQYL
YSLKQPDGSFLMHVGGEVDVRSAYCAASVASLTNIITPDLFEGTAEWIARCQNWEGGIGGVPGMEAHGGYTFCGLAALVI
LKKERSLNLKSLLQWVTSRQMRFEGGFQGRCNKLVDGCYSFWQAGLLPLLHRALHAQGDPALSMSHWMFHQQALQEYILM
CCQCPAGGLLDKPGKSRDFYHTCYCLSGLSIAQHFGSGAMLHDVVMGVPENVLQPTHPVYNIGPDKVIQATTHFLQKPVP
GF
;
B
#
# COMPACT_ATOMS: atom_id res chain seq x y z
N PHE A 1 24.89 -6.20 25.99
CA PHE A 1 25.99 -6.16 27.00
C PHE A 1 26.15 -4.75 27.55
N LEU A 2 26.02 -3.76 26.67
CA LEU A 2 26.15 -2.34 27.04
C LEU A 2 25.11 -1.56 26.21
N SER A 3 24.12 -1.00 26.89
CA SER A 3 23.05 -0.22 26.24
C SER A 3 23.51 1.00 25.44
N LEU A 4 22.78 1.24 24.35
CA LEU A 4 23.05 2.37 23.49
C LEU A 4 22.56 3.57 24.29
N ASP A 5 21.71 3.31 25.28
CA ASP A 5 21.12 4.37 26.10
C ASP A 5 21.81 4.60 27.44
N SER A 6 22.70 3.69 27.80
CA SER A 6 23.38 3.78 29.08
C SER A 6 24.11 5.10 29.13
N PRO A 7 24.12 5.73 30.30
CA PRO A 7 24.79 7.00 30.48
C PRO A 7 26.29 6.82 30.32
N THR A 8 26.74 5.58 30.50
CA THR A 8 28.15 5.26 30.41
C THR A 8 28.42 4.41 29.18
N TYR A 9 27.75 4.73 28.10
CA TYR A 9 27.92 4.00 26.85
C TYR A 9 29.14 4.55 26.17
N VAL A 10 30.00 3.67 25.65
CA VAL A 10 31.21 4.11 24.96
C VAL A 10 31.27 3.64 23.54
N LEU A 11 31.78 4.50 22.65
CA LEU A 11 31.91 4.16 21.23
C LEU A 11 32.77 2.91 21.04
N TYR A 12 32.44 2.15 19.99
CA TYR A 12 33.19 0.97 19.70
C TYR A 12 34.64 1.31 19.45
N ARG A 13 34.89 2.46 18.85
CA ARG A 13 36.25 2.81 18.58
C ARG A 13 36.94 2.97 19.93
N ASP A 14 36.25 3.46 20.93
CA ASP A 14 36.89 3.63 22.22
C ASP A 14 36.93 2.34 23.03
N ARG A 15 36.56 1.23 22.42
CA ARG A 15 36.53 -0.03 23.16
C ARG A 15 37.74 -0.92 23.04
N ALA A 16 38.14 -1.44 24.20
CA ALA A 16 39.31 -2.29 24.34
C ALA A 16 39.17 -3.64 23.69
N GLU A 17 37.96 -4.15 23.65
CA GLU A 17 37.73 -5.47 23.09
C GLU A 17 37.42 -5.38 21.61
N TRP A 18 37.51 -4.14 21.09
CA TRP A 18 37.26 -3.84 19.70
C TRP A 18 38.37 -2.96 19.14
N ALA A 19 39.61 -3.42 19.26
CA ALA A 19 40.76 -2.64 18.79
C ALA A 19 41.51 -3.43 17.75
N ASP A 20 41.23 -4.73 17.75
CA ASP A 20 41.87 -5.60 16.73
C ASP A 20 41.22 -5.48 15.41
N ILE A 21 40.07 -4.82 15.42
CA ILE A 21 39.38 -4.66 14.16
C ILE A 21 39.48 -3.22 13.70
N ASP A 22 39.43 -3.01 12.39
CA ASP A 22 39.48 -1.67 11.82
C ASP A 22 38.08 -1.39 11.30
N PRO A 23 37.48 -0.28 11.73
CA PRO A 23 36.13 0.09 11.31
C PRO A 23 36.08 0.45 9.81
N VAL A 24 35.30 -0.35 9.08
CA VAL A 24 35.09 -0.14 7.67
C VAL A 24 33.95 0.85 7.53
N PRO A 25 34.26 2.05 7.02
CA PRO A 25 33.32 3.16 6.80
C PRO A 25 32.47 2.96 5.53
N GLN A 26 31.35 3.65 5.47
CA GLN A 26 30.50 3.54 4.32
C GLN A 26 31.11 4.24 3.12
N ASN A 27 30.99 3.62 1.95
CA ASN A 27 31.53 4.16 0.70
C ASN A 27 30.35 4.63 -0.17
N ASP A 28 30.00 5.90 -0.05
CA ASP A 28 28.90 6.50 -0.80
C ASP A 28 29.41 7.13 -2.09
N GLY A 29 30.71 7.00 -2.34
CA GLY A 29 31.27 7.53 -3.56
C GLY A 29 31.64 8.99 -3.44
N PRO A 30 32.71 9.40 -4.13
CA PRO A 30 33.29 10.75 -4.18
C PRO A 30 32.27 11.88 -4.29
N SER A 31 31.09 11.56 -4.78
CA SER A 31 30.06 12.58 -4.93
C SER A 31 28.75 11.97 -4.50
N PRO A 32 28.44 12.09 -3.22
CA PRO A 32 27.22 11.57 -2.59
C PRO A 32 25.89 12.19 -3.05
N VAL A 33 24.83 11.40 -2.88
CA VAL A 33 23.45 11.80 -3.18
C VAL A 33 22.64 11.26 -2.02
N VAL A 34 21.47 11.85 -1.74
CA VAL A 34 20.64 11.43 -0.60
C VAL A 34 21.53 10.81 0.45
N GLN A 35 22.45 11.63 0.91
CA GLN A 35 23.43 11.24 1.88
C GLN A 35 22.99 11.65 3.30
N ILE A 36 22.85 10.65 4.15
CA ILE A 36 22.44 10.90 5.53
C ILE A 36 23.59 11.32 6.45
N ILE A 37 23.36 12.35 7.27
CA ILE A 37 24.38 12.82 8.20
C ILE A 37 24.12 12.04 9.47
N TYR A 38 24.78 10.89 9.58
CA TYR A 38 24.60 10.06 10.75
C TYR A 38 25.24 10.71 11.94
N SER A 39 24.78 10.27 13.12
CA SER A 39 25.32 10.75 14.37
C SER A 39 26.66 10.01 14.55
N GLU A 40 27.54 10.53 15.41
CA GLU A 40 28.82 9.88 15.64
C GLU A 40 28.54 8.46 16.12
N LYS A 41 27.42 8.28 16.84
CA LYS A 41 27.05 6.97 17.38
C LYS A 41 26.54 6.00 16.35
N PHE A 42 25.72 6.49 15.46
CA PHE A 42 25.18 5.65 14.39
C PHE A 42 26.30 5.20 13.48
N ARG A 43 27.12 6.17 13.07
CA ARG A 43 28.27 5.90 12.22
C ARG A 43 29.25 4.91 12.88
N ASP A 44 29.45 5.07 14.19
CA ASP A 44 30.40 4.22 14.89
C ASP A 44 29.96 2.77 14.86
N VAL A 45 28.73 2.46 15.29
CA VAL A 45 28.27 1.06 15.29
C VAL A 45 28.33 0.43 13.90
N TYR A 46 27.85 1.17 12.91
CA TYR A 46 27.86 0.66 11.54
C TYR A 46 29.23 0.52 10.87
N ASP A 47 30.19 1.39 11.17
CA ASP A 47 31.52 1.28 10.57
C ASP A 47 32.03 -0.08 11.07
N TYR A 48 31.68 -0.40 12.31
CA TYR A 48 32.08 -1.67 12.92
C TYR A 48 31.25 -2.83 12.35
N PHE A 49 30.01 -2.56 11.95
CA PHE A 49 29.23 -3.65 11.39
C PHE A 49 29.78 -4.01 10.01
N ARG A 50 30.06 -2.99 9.21
CA ARG A 50 30.59 -3.21 7.87
C ARG A 50 31.80 -4.14 7.92
N ALA A 51 32.60 -3.96 8.98
CA ALA A 51 33.82 -4.75 9.17
C ALA A 51 33.61 -6.19 9.60
N VAL A 52 32.81 -6.39 10.63
CA VAL A 52 32.53 -7.71 11.18
C VAL A 52 31.86 -8.52 10.08
N LEU A 53 30.95 -7.86 9.39
CA LEU A 53 30.23 -8.48 8.28
C LEU A 53 31.22 -8.80 7.17
N GLN A 54 31.94 -7.77 6.77
CA GLN A 54 32.92 -7.91 5.71
C GLN A 54 33.88 -9.06 6.01
N ARG A 55 34.21 -9.22 7.29
CA ARG A 55 35.11 -10.29 7.71
C ARG A 55 34.32 -11.59 7.83
N ASP A 56 33.00 -11.44 7.95
CA ASP A 56 32.09 -12.56 8.14
C ASP A 56 32.52 -13.16 9.46
N GLU A 57 32.90 -12.27 10.38
CA GLU A 57 33.29 -12.70 11.70
C GLU A 57 31.99 -13.15 12.33
N ARG A 58 31.82 -14.46 12.54
CA ARG A 58 30.61 -14.99 13.14
C ARG A 58 30.89 -15.24 14.61
N SER A 59 31.08 -14.14 15.33
CA SER A 59 31.41 -14.14 16.73
C SER A 59 30.35 -13.59 17.66
N GLU A 60 30.52 -13.92 18.93
CA GLU A 60 29.63 -13.45 19.97
C GLU A 60 29.64 -11.92 20.05
N ARG A 61 30.80 -11.29 19.87
CA ARG A 61 30.83 -9.84 19.94
C ARG A 61 30.11 -9.27 18.73
N ALA A 62 30.21 -9.98 17.61
CA ALA A 62 29.55 -9.53 16.42
C ALA A 62 28.05 -9.59 16.70
N PHE A 63 27.63 -10.64 17.39
CA PHE A 63 26.24 -10.87 17.71
C PHE A 63 25.69 -9.74 18.53
N LYS A 64 26.38 -9.43 19.61
CA LYS A 64 25.94 -8.35 20.47
C LYS A 64 25.87 -7.00 19.71
N LEU A 65 26.68 -6.85 18.67
CA LEU A 65 26.73 -5.59 17.91
C LEU A 65 25.58 -5.43 16.96
N THR A 66 25.06 -6.52 16.41
CA THR A 66 23.95 -6.41 15.45
C THR A 66 22.79 -5.85 16.25
N ARG A 67 22.76 -6.22 17.52
CA ARG A 67 21.75 -5.76 18.44
C ARG A 67 21.69 -4.24 18.47
N ASP A 68 22.85 -3.61 18.58
CA ASP A 68 22.93 -2.17 18.60
C ASP A 68 22.63 -1.63 17.20
N ALA A 69 23.09 -2.33 16.17
CA ALA A 69 22.88 -1.89 14.78
C ALA A 69 21.42 -1.95 14.43
N ILE A 70 20.71 -2.90 15.05
CA ILE A 70 19.27 -3.09 14.85
C ILE A 70 18.52 -2.01 15.58
N GLU A 71 19.03 -1.62 16.74
CA GLU A 71 18.34 -0.58 17.48
C GLU A 71 18.50 0.78 16.82
N LEU A 72 19.59 0.98 16.10
CA LEU A 72 19.84 2.25 15.43
C LEU A 72 18.98 2.32 14.17
N ASN A 73 18.70 1.17 13.55
CA ASN A 73 17.87 1.11 12.35
C ASN A 73 17.33 -0.27 12.22
N ALA A 74 16.22 -0.50 12.89
CA ALA A 74 15.56 -1.80 12.88
C ALA A 74 15.14 -2.27 11.49
N ALA A 75 15.03 -1.33 10.57
CA ALA A 75 14.62 -1.63 9.21
C ALA A 75 15.79 -2.11 8.34
N ASN A 76 16.96 -2.28 8.95
CA ASN A 76 18.10 -2.72 8.17
C ASN A 76 18.03 -4.24 8.08
N TYR A 77 17.47 -4.71 6.96
CA TYR A 77 17.30 -6.14 6.69
C TYR A 77 18.61 -6.95 6.53
N THR A 78 19.71 -6.28 6.16
CA THR A 78 20.99 -6.94 5.96
C THR A 78 21.52 -7.38 7.31
N VAL A 79 21.39 -6.49 8.29
CA VAL A 79 21.85 -6.77 9.65
C VAL A 79 21.00 -7.87 10.21
N TRP A 80 19.70 -7.81 9.92
CA TRP A 80 18.79 -8.84 10.42
C TRP A 80 19.14 -10.22 9.86
N HIS A 81 19.70 -10.22 8.66
CA HIS A 81 20.08 -11.46 8.01
C HIS A 81 21.30 -12.04 8.71
N PHE A 82 22.35 -11.23 8.80
CA PHE A 82 23.59 -11.66 9.43
C PHE A 82 23.28 -12.13 10.85
N ARG A 83 22.30 -11.53 11.49
CA ARG A 83 21.98 -11.95 12.85
C ARG A 83 21.39 -13.36 12.89
N ARG A 84 20.66 -13.74 11.84
CA ARG A 84 20.08 -15.07 11.84
C ARG A 84 21.17 -16.07 11.60
N VAL A 85 22.16 -15.66 10.81
CA VAL A 85 23.31 -16.51 10.53
C VAL A 85 24.02 -16.78 11.84
N LEU A 86 24.22 -15.72 12.62
CA LEU A 86 24.90 -15.88 13.89
C LEU A 86 24.05 -16.75 14.81
N LEU A 87 22.73 -16.66 14.69
CA LEU A 87 21.85 -17.46 15.53
C LEU A 87 22.11 -18.96 15.30
N ARG A 88 22.29 -19.33 14.04
CA ARG A 88 22.54 -20.72 13.68
C ARG A 88 23.97 -21.09 14.01
N SER A 89 24.92 -20.31 13.49
CA SER A 89 26.32 -20.57 13.73
C SER A 89 26.67 -20.65 15.21
N LEU A 90 26.59 -19.53 15.92
CA LEU A 90 26.90 -19.54 17.35
C LEU A 90 25.96 -20.46 18.13
N GLN A 91 24.99 -21.04 17.43
CA GLN A 91 24.03 -21.92 18.09
C GLN A 91 23.51 -21.20 19.31
N LYS A 92 22.68 -20.20 19.08
CA LYS A 92 22.11 -19.41 20.17
C LYS A 92 20.77 -19.97 20.65
N ASP A 93 20.43 -19.71 21.91
CA ASP A 93 19.16 -20.14 22.49
C ASP A 93 18.11 -19.31 21.80
N LEU A 94 17.31 -19.96 20.95
CA LEU A 94 16.28 -19.26 20.20
C LEU A 94 15.13 -18.73 21.06
N GLN A 95 14.75 -19.45 22.12
CA GLN A 95 13.66 -18.97 22.97
C GLN A 95 14.05 -17.64 23.58
N GLU A 96 15.32 -17.54 23.90
CA GLU A 96 15.88 -16.33 24.45
C GLU A 96 15.73 -15.26 23.36
N GLU A 97 15.94 -15.65 22.10
CA GLU A 97 15.83 -14.70 21.00
C GLU A 97 14.36 -14.38 20.75
N MET A 98 13.45 -15.31 21.05
CA MET A 98 12.02 -15.07 20.87
C MET A 98 11.65 -13.90 21.76
N ASN A 99 12.24 -13.85 22.94
CA ASN A 99 11.95 -12.76 23.87
C ASN A 99 12.45 -11.43 23.31
N TYR A 100 13.63 -11.45 22.72
CA TYR A 100 14.24 -10.26 22.15
C TYR A 100 13.26 -9.71 21.10
N ILE A 101 13.02 -10.49 20.05
CA ILE A 101 12.10 -10.09 18.99
C ILE A 101 10.74 -9.68 19.52
N THR A 102 10.35 -10.26 20.65
CA THR A 102 9.05 -9.93 21.25
C THR A 102 9.03 -8.48 21.69
N ALA A 103 10.11 -8.08 22.35
CA ALA A 103 10.24 -6.73 22.83
C ALA A 103 10.39 -5.72 21.68
N ILE A 104 11.19 -6.10 20.68
CA ILE A 104 11.46 -5.24 19.53
C ILE A 104 10.20 -4.97 18.74
N ILE A 105 9.36 -6.00 18.58
CA ILE A 105 8.12 -5.83 17.85
C ILE A 105 7.19 -4.91 18.65
N GLU A 106 7.22 -5.03 19.98
CA GLU A 106 6.35 -4.18 20.80
C GLU A 106 6.72 -2.74 20.50
N GLU A 107 8.00 -2.53 20.21
CA GLU A 107 8.51 -1.20 19.91
C GLU A 107 8.27 -0.69 18.50
N GLN A 108 8.35 -1.59 17.53
CA GLN A 108 8.16 -1.27 16.12
C GLN A 108 7.25 -2.31 15.51
N PRO A 109 5.97 -2.29 15.86
CA PRO A 109 5.00 -3.26 15.36
C PRO A 109 4.61 -3.12 13.90
N LYS A 110 5.22 -2.17 13.20
CA LYS A 110 4.91 -1.95 11.80
C LYS A 110 6.13 -2.11 10.92
N ASN A 111 7.15 -2.72 11.51
CA ASN A 111 8.39 -2.96 10.83
C ASN A 111 8.22 -4.34 10.16
N TYR A 112 8.68 -4.47 8.93
CA TYR A 112 8.56 -5.71 8.16
C TYR A 112 9.54 -6.80 8.57
N GLN A 113 10.75 -6.40 8.95
CA GLN A 113 11.80 -7.35 9.32
C GLN A 113 11.59 -8.08 10.61
N VAL A 114 11.03 -7.38 11.60
CA VAL A 114 10.83 -7.93 12.93
C VAL A 114 9.80 -9.01 12.92
N TRP A 115 8.75 -8.84 12.14
CA TRP A 115 7.69 -9.86 12.08
C TRP A 115 8.21 -11.09 11.37
N HIS A 116 8.96 -10.86 10.31
CA HIS A 116 9.49 -11.94 9.53
C HIS A 116 10.51 -12.73 10.31
N HIS A 117 11.28 -12.02 11.12
CA HIS A 117 12.30 -12.66 11.91
C HIS A 117 11.63 -13.58 12.91
N ARG A 118 10.52 -13.09 13.48
CA ARG A 118 9.78 -13.88 14.45
C ARG A 118 9.20 -15.14 13.83
N ARG A 119 8.72 -14.99 12.61
CA ARG A 119 8.15 -16.11 11.92
C ARG A 119 9.24 -17.16 11.65
N VAL A 120 10.46 -16.72 11.37
CA VAL A 120 11.54 -17.65 11.10
C VAL A 120 11.85 -18.44 12.37
N LEU A 121 11.87 -17.76 13.50
CA LEU A 121 12.16 -18.45 14.76
C LEU A 121 11.13 -19.52 15.08
N VAL A 122 9.86 -19.14 14.95
CA VAL A 122 8.78 -20.06 15.24
C VAL A 122 8.88 -21.27 14.33
N GLU A 123 9.34 -21.06 13.11
CA GLU A 123 9.46 -22.15 12.16
C GLU A 123 10.61 -23.03 12.63
N TRP A 124 11.73 -22.40 13.02
CA TRP A 124 12.93 -23.12 13.49
C TRP A 124 12.57 -23.98 14.68
N LEU A 125 11.79 -23.40 15.58
CA LEU A 125 11.35 -24.10 16.76
C LEU A 125 10.12 -25.00 16.60
N LYS A 126 9.33 -24.76 15.55
CA LYS A 126 8.11 -25.52 15.33
C LYS A 126 7.24 -25.36 16.58
N ASP A 127 7.27 -24.17 17.17
CA ASP A 127 6.52 -23.84 18.38
C ASP A 127 5.61 -22.58 18.22
N PRO A 128 4.30 -22.81 18.01
CA PRO A 128 3.36 -21.69 17.83
C PRO A 128 2.65 -21.37 19.13
N SER A 129 3.13 -21.97 20.21
CA SER A 129 2.50 -21.82 21.52
C SER A 129 2.41 -20.43 22.17
N GLN A 130 3.22 -19.49 21.73
CA GLN A 130 3.19 -18.16 22.34
C GLN A 130 2.52 -17.14 21.42
N GLU A 131 2.39 -17.50 20.15
CA GLU A 131 1.84 -16.63 19.12
C GLU A 131 0.50 -15.94 19.30
N LEU A 132 -0.58 -16.67 19.47
CA LEU A 132 -1.88 -16.01 19.56
C LEU A 132 -1.95 -15.04 20.74
N GLU A 133 -1.22 -15.34 21.80
CA GLU A 133 -1.22 -14.49 22.99
C GLU A 133 -0.38 -13.23 22.76
N PHE A 134 0.70 -13.37 22.01
CA PHE A 134 1.56 -12.24 21.76
C PHE A 134 0.85 -11.30 20.80
N ILE A 135 0.33 -11.87 19.71
CA ILE A 135 -0.39 -11.13 18.70
C ILE A 135 -1.51 -10.35 19.36
N ALA A 136 -2.36 -11.06 20.11
CA ALA A 136 -3.47 -10.40 20.80
C ALA A 136 -2.99 -9.22 21.66
N ASP A 137 -1.76 -9.26 22.13
CA ASP A 137 -1.28 -8.14 22.93
C ASP A 137 -0.97 -6.97 22.02
N ILE A 138 -0.46 -7.28 20.83
CA ILE A 138 -0.13 -6.22 19.90
C ILE A 138 -1.46 -5.64 19.40
N LEU A 139 -2.42 -6.51 19.06
CA LEU A 139 -3.73 -6.08 18.56
C LEU A 139 -4.50 -5.40 19.67
N ASN A 140 -3.93 -5.37 20.86
CA ASN A 140 -4.60 -4.74 21.97
C ASN A 140 -4.16 -3.32 21.98
N GLN A 141 -2.98 -3.07 21.41
CA GLN A 141 -2.43 -1.72 21.34
C GLN A 141 -2.88 -1.05 20.03
N ASP A 142 -3.15 -1.87 19.01
CA ASP A 142 -3.58 -1.40 17.69
C ASP A 142 -4.37 -2.52 17.02
N ALA A 143 -5.68 -2.51 17.25
CA ALA A 143 -6.58 -3.52 16.72
C ALA A 143 -6.56 -3.72 15.22
N LYS A 144 -5.71 -3.00 14.49
CA LYS A 144 -5.67 -3.15 13.04
C LYS A 144 -4.26 -3.24 12.47
N ASN A 145 -3.29 -3.61 13.27
CA ASN A 145 -1.95 -3.75 12.75
C ASN A 145 -2.04 -4.82 11.66
N TYR A 146 -1.70 -4.44 10.44
CA TYR A 146 -1.77 -5.37 9.32
C TYR A 146 -0.82 -6.53 9.50
N HIS A 147 0.39 -6.23 9.98
CA HIS A 147 1.40 -7.24 10.16
C HIS A 147 0.94 -8.28 11.20
N ALA A 148 0.33 -7.78 12.27
CA ALA A 148 -0.15 -8.63 13.36
C ALA A 148 -1.22 -9.59 12.88
N TRP A 149 -2.16 -9.09 12.08
CA TRP A 149 -3.22 -9.95 11.59
C TRP A 149 -2.68 -10.98 10.59
N GLN A 150 -1.73 -10.54 9.77
CA GLN A 150 -1.14 -11.38 8.76
C GLN A 150 -0.33 -12.48 9.40
N HIS A 151 0.41 -12.10 10.43
CA HIS A 151 1.21 -13.08 11.12
C HIS A 151 0.25 -14.05 11.79
N ARG A 152 -0.83 -13.52 12.35
CA ARG A 152 -1.80 -14.34 13.02
C ARG A 152 -2.39 -15.40 12.10
N GLN A 153 -2.80 -15.00 10.90
CA GLN A 153 -3.37 -15.93 9.92
C GLN A 153 -2.39 -17.04 9.55
N TRP A 154 -1.11 -16.73 9.60
CA TRP A 154 -0.09 -17.71 9.27
C TRP A 154 -0.01 -18.74 10.39
N VAL A 155 0.02 -18.27 11.64
CA VAL A 155 0.10 -19.19 12.79
C VAL A 155 -1.09 -20.16 12.84
N ILE A 156 -2.28 -19.61 12.56
CA ILE A 156 -3.51 -20.38 12.58
C ILE A 156 -3.52 -21.40 11.44
N GLN A 157 -3.18 -20.92 10.23
CA GLN A 157 -3.18 -21.76 9.05
C GLN A 157 -2.18 -22.91 9.21
N GLU A 158 -0.91 -22.55 9.28
CA GLU A 158 0.18 -23.51 9.42
C GLU A 158 0.04 -24.51 10.54
N PHE A 159 -0.23 -24.01 11.73
CA PHE A 159 -0.35 -24.89 12.89
C PHE A 159 -1.78 -25.37 13.17
N ARG A 160 -2.66 -25.05 12.23
CA ARG A 160 -4.05 -25.47 12.33
C ARG A 160 -4.63 -25.16 13.70
N LEU A 161 -4.50 -23.90 14.13
CA LEU A 161 -5.04 -23.47 15.44
C LEU A 161 -6.36 -22.67 15.32
N TRP A 162 -7.34 -23.25 14.64
CA TRP A 162 -8.63 -22.64 14.36
C TRP A 162 -9.70 -22.60 15.44
N ASP A 163 -9.70 -23.54 16.35
CA ASP A 163 -10.77 -23.68 17.33
C ASP A 163 -11.31 -22.49 18.10
N ASN A 164 -10.44 -21.65 18.64
CA ASN A 164 -10.98 -20.52 19.40
C ASN A 164 -10.90 -19.14 18.74
N GLU A 165 -10.57 -19.09 17.46
CA GLU A 165 -10.43 -17.80 16.79
C GLU A 165 -11.74 -17.07 16.50
N LEU A 166 -12.82 -17.81 16.27
CA LEU A 166 -14.08 -17.14 15.98
C LEU A 166 -14.58 -16.47 17.25
N GLN A 167 -14.24 -17.07 18.40
CA GLN A 167 -14.63 -16.51 19.69
C GLN A 167 -13.89 -15.21 19.91
N TYR A 168 -12.67 -15.17 19.38
CA TYR A 168 -11.79 -14.01 19.48
C TYR A 168 -12.33 -12.84 18.63
N VAL A 169 -12.69 -13.21 17.41
CA VAL A 169 -13.21 -12.28 16.43
C VAL A 169 -14.45 -11.63 17.01
N ASP A 170 -15.31 -12.44 17.62
CA ASP A 170 -16.54 -11.93 18.22
C ASP A 170 -16.20 -10.95 19.34
N GLN A 171 -15.15 -11.25 20.08
CA GLN A 171 -14.72 -10.39 21.17
C GLN A 171 -14.34 -9.02 20.61
N LEU A 172 -13.43 -9.02 19.67
CA LEU A 172 -12.98 -7.78 19.05
C LEU A 172 -14.12 -7.07 18.32
N LEU A 173 -15.09 -7.80 17.78
CA LEU A 173 -16.17 -7.13 17.05
C LEU A 173 -17.05 -6.45 18.09
N LYS A 174 -16.95 -6.88 19.33
CA LYS A 174 -17.76 -6.29 20.38
C LYS A 174 -17.09 -4.99 20.77
N GLU A 175 -15.76 -4.97 20.67
CA GLU A 175 -14.98 -3.79 21.02
C GLU A 175 -15.11 -2.67 19.99
N ASP A 176 -15.12 -3.03 18.70
CA ASP A 176 -15.24 -2.03 17.63
C ASP A 176 -15.84 -2.74 16.43
N VAL A 177 -17.16 -2.67 16.33
CA VAL A 177 -17.86 -3.32 15.25
C VAL A 177 -17.45 -2.77 13.88
N ARG A 178 -16.74 -1.65 13.89
CA ARG A 178 -16.29 -1.07 12.63
C ARG A 178 -14.87 -1.57 12.31
N ASN A 179 -14.38 -2.57 13.03
CA ASN A 179 -13.01 -3.05 12.76
C ASN A 179 -12.95 -4.03 11.58
N ASN A 180 -12.76 -3.48 10.39
CA ASN A 180 -12.68 -4.26 9.16
C ASN A 180 -11.70 -5.44 9.21
N SER A 181 -10.67 -5.33 10.03
CA SER A 181 -9.66 -6.39 10.13
C SER A 181 -10.31 -7.65 10.74
N VAL A 182 -11.24 -7.37 11.65
CA VAL A 182 -11.96 -8.44 12.33
C VAL A 182 -13.04 -9.04 11.44
N TRP A 183 -13.71 -8.19 10.66
CA TRP A 183 -14.73 -8.70 9.78
C TRP A 183 -14.03 -9.61 8.80
N ASN A 184 -12.85 -9.19 8.35
CA ASN A 184 -12.08 -9.99 7.41
C ASN A 184 -11.66 -11.28 8.07
N GLN A 185 -11.22 -11.18 9.32
CA GLN A 185 -10.78 -12.36 10.06
C GLN A 185 -11.90 -13.41 10.26
N ARG A 186 -13.11 -12.90 10.43
CA ARG A 186 -14.26 -13.72 10.63
C ARG A 186 -14.52 -14.50 9.36
N HIS A 187 -14.23 -13.88 8.22
CA HIS A 187 -14.45 -14.52 6.94
C HIS A 187 -13.37 -15.54 6.74
N PHE A 188 -12.16 -15.15 7.11
CA PHE A 188 -11.00 -16.03 6.98
C PHE A 188 -11.27 -17.32 7.73
N VAL A 189 -11.72 -17.14 8.96
CA VAL A 189 -12.01 -18.25 9.84
C VAL A 189 -13.16 -19.15 9.38
N ILE A 190 -14.34 -18.58 9.22
CA ILE A 190 -15.45 -19.39 8.79
C ILE A 190 -15.18 -20.10 7.48
N SER A 191 -14.77 -19.34 6.48
CA SER A 191 -14.52 -19.94 5.17
C SER A 191 -13.43 -21.01 5.17
N ASN A 192 -12.63 -21.11 6.23
CA ASN A 192 -11.60 -22.13 6.26
C ASN A 192 -11.93 -23.26 7.19
N THR A 193 -12.99 -23.07 7.97
CA THR A 193 -13.41 -24.10 8.90
C THR A 193 -14.69 -24.79 8.42
N THR A 194 -15.81 -24.07 8.42
CA THR A 194 -17.07 -24.67 7.98
C THR A 194 -17.52 -24.26 6.59
N GLY A 195 -17.19 -23.04 6.21
CA GLY A 195 -17.63 -22.55 4.92
C GLY A 195 -19.00 -21.90 5.12
N TYR A 196 -19.50 -21.22 4.08
CA TYR A 196 -20.79 -20.54 4.14
C TYR A 196 -21.84 -21.30 3.36
N SER A 197 -21.51 -22.52 2.96
CA SER A 197 -22.50 -23.31 2.23
C SER A 197 -23.52 -23.84 3.19
N ASP A 198 -23.10 -24.16 4.40
CA ASP A 198 -24.01 -24.71 5.40
C ASP A 198 -25.11 -23.72 5.71
N ARG A 199 -26.33 -24.06 5.30
CA ARG A 199 -27.53 -23.25 5.51
C ARG A 199 -27.66 -22.61 6.88
N ALA A 200 -27.37 -23.39 7.90
CA ALA A 200 -27.47 -22.89 9.28
C ALA A 200 -26.44 -21.82 9.51
N VAL A 201 -25.24 -22.08 9.04
CA VAL A 201 -24.15 -21.14 9.17
C VAL A 201 -24.49 -19.89 8.38
N LEU A 202 -24.84 -20.06 7.10
CA LEU A 202 -25.17 -18.93 6.25
C LEU A 202 -26.21 -18.06 6.97
N GLU A 203 -27.30 -18.70 7.42
CA GLU A 203 -28.37 -18.00 8.12
C GLU A 203 -27.85 -17.28 9.38
N ARG A 204 -27.09 -17.99 10.19
CA ARG A 204 -26.57 -17.42 11.42
C ARG A 204 -25.79 -16.16 11.07
N GLU A 205 -24.99 -16.25 10.03
CA GLU A 205 -24.16 -15.14 9.59
C GLU A 205 -25.00 -13.91 9.14
N VAL A 206 -25.85 -14.13 8.15
CA VAL A 206 -26.66 -13.07 7.61
C VAL A 206 -27.47 -12.42 8.71
N GLN A 207 -27.95 -13.23 9.64
CA GLN A 207 -28.74 -12.74 10.77
C GLN A 207 -27.94 -11.78 11.62
N TYR A 208 -26.80 -12.28 12.05
CA TYR A 208 -25.89 -11.51 12.86
C TYR A 208 -25.46 -10.23 12.17
N THR A 209 -25.21 -10.33 10.88
CA THR A 209 -24.79 -9.19 10.12
C THR A 209 -25.95 -8.23 9.91
N LEU A 210 -27.16 -8.74 9.70
CA LEU A 210 -28.28 -7.83 9.50
C LEU A 210 -28.48 -7.11 10.83
N GLU A 211 -28.09 -7.76 11.92
CA GLU A 211 -28.18 -7.16 13.24
C GLU A 211 -27.22 -5.97 13.34
N MET A 212 -25.94 -6.23 13.14
CA MET A 212 -24.94 -5.17 13.20
C MET A 212 -25.28 -4.01 12.25
N ILE A 213 -26.07 -4.28 11.22
CA ILE A 213 -26.41 -3.25 10.26
C ILE A 213 -27.54 -2.50 10.89
N LYS A 214 -28.52 -3.23 11.37
CA LYS A 214 -29.66 -2.62 12.02
C LYS A 214 -29.24 -2.33 13.47
N LEU A 215 -28.12 -1.65 13.61
CA LEU A 215 -27.58 -1.28 14.92
C LEU A 215 -26.65 -0.09 14.64
N VAL A 216 -25.84 -0.21 13.59
CA VAL A 216 -24.90 0.84 13.19
C VAL A 216 -25.02 0.91 11.67
N PRO A 217 -26.23 1.22 11.16
CA PRO A 217 -26.53 1.32 9.73
C PRO A 217 -25.50 1.99 8.78
N HIS A 218 -24.67 2.86 9.32
CA HIS A 218 -23.70 3.55 8.48
C HIS A 218 -22.31 2.96 8.56
N ASN A 219 -22.19 1.82 9.25
CA ASN A 219 -20.94 1.10 9.37
C ASN A 219 -20.80 0.26 8.09
N GLU A 220 -19.84 0.62 7.26
CA GLU A 220 -19.67 -0.03 5.99
C GLU A 220 -19.23 -1.49 5.97
N SER A 221 -18.40 -1.86 6.93
CA SER A 221 -17.86 -3.22 6.99
C SER A 221 -18.95 -4.30 7.01
N ALA A 222 -19.93 -4.13 7.88
CA ALA A 222 -21.00 -5.10 8.00
C ALA A 222 -21.71 -5.27 6.66
N TRP A 223 -21.80 -4.18 5.93
CA TRP A 223 -22.46 -4.18 4.64
C TRP A 223 -21.67 -4.94 3.60
N ASN A 224 -20.36 -4.69 3.59
CA ASN A 224 -19.47 -5.34 2.64
C ASN A 224 -19.33 -6.82 2.99
N TYR A 225 -19.60 -7.16 4.25
CA TYR A 225 -19.51 -8.55 4.70
C TYR A 225 -20.74 -9.28 4.23
N LEU A 226 -21.91 -8.72 4.56
CA LEU A 226 -23.17 -9.33 4.19
C LEU A 226 -23.26 -9.53 2.69
N LYS A 227 -22.74 -8.54 1.98
CA LYS A 227 -22.75 -8.59 0.52
C LYS A 227 -21.78 -9.69 0.08
N GLY A 228 -20.63 -9.70 0.75
CA GLY A 228 -19.59 -10.67 0.46
C GLY A 228 -19.98 -12.11 0.65
N ILE A 229 -20.70 -12.41 1.72
CA ILE A 229 -21.10 -13.79 1.99
C ILE A 229 -22.27 -14.28 1.13
N LEU A 230 -23.08 -13.38 0.61
CA LEU A 230 -24.21 -13.77 -0.24
C LEU A 230 -23.95 -13.64 -1.74
N GLN A 231 -23.29 -12.55 -2.12
CA GLN A 231 -22.99 -12.26 -3.52
C GLN A 231 -22.28 -13.42 -4.19
N ASP A 232 -21.87 -14.40 -3.39
CA ASP A 232 -21.20 -15.53 -3.97
C ASP A 232 -22.19 -16.69 -3.95
N ARG A 233 -23.27 -16.48 -4.69
CA ARG A 233 -24.35 -17.46 -4.86
C ARG A 233 -25.53 -16.78 -5.49
N GLY A 234 -25.49 -15.45 -5.50
CA GLY A 234 -26.58 -14.72 -6.10
C GLY A 234 -27.48 -14.09 -5.05
N LEU A 235 -27.50 -12.77 -5.01
CA LEU A 235 -28.34 -12.09 -4.05
C LEU A 235 -29.77 -12.40 -4.41
N SER A 236 -30.02 -12.55 -5.70
CA SER A 236 -31.37 -12.81 -6.19
C SER A 236 -31.91 -14.21 -5.87
N ARG A 237 -31.07 -15.07 -5.30
CA ARG A 237 -31.51 -16.42 -4.97
C ARG A 237 -32.06 -16.35 -3.56
N TYR A 238 -32.14 -15.13 -3.05
CA TYR A 238 -32.64 -14.81 -1.71
C TYR A 238 -33.78 -13.78 -1.84
N PRO A 239 -35.01 -14.26 -2.03
CA PRO A 239 -36.22 -13.45 -2.19
C PRO A 239 -36.49 -12.51 -1.03
N ASN A 240 -36.47 -13.06 0.17
CA ASN A 240 -36.73 -12.28 1.38
C ASN A 240 -35.79 -11.09 1.49
N LEU A 241 -34.58 -11.25 0.96
CA LEU A 241 -33.57 -10.21 1.02
C LEU A 241 -34.11 -8.82 0.67
N LEU A 242 -34.43 -8.62 -0.60
CA LEU A 242 -34.92 -7.33 -1.06
C LEU A 242 -35.94 -6.70 -0.12
N ASN A 243 -36.79 -7.53 0.48
CA ASN A 243 -37.80 -7.05 1.40
C ASN A 243 -37.23 -6.49 2.69
N GLN A 244 -36.66 -7.36 3.52
CA GLN A 244 -36.08 -6.93 4.78
C GLN A 244 -35.25 -5.66 4.58
N LEU A 245 -34.44 -5.62 3.52
CA LEU A 245 -33.59 -4.44 3.26
C LEU A 245 -34.46 -3.24 2.94
N LEU A 246 -35.55 -3.48 2.20
CA LEU A 246 -36.48 -2.43 1.80
C LEU A 246 -37.17 -1.89 3.06
N ASP A 247 -37.28 -2.74 4.07
CA ASP A 247 -37.91 -2.37 5.30
C ASP A 247 -37.05 -1.34 6.02
N LEU A 248 -35.73 -1.47 5.88
CA LEU A 248 -34.79 -0.55 6.54
C LEU A 248 -34.68 0.82 5.88
N GLN A 249 -35.40 1.00 4.75
CA GLN A 249 -35.35 2.26 3.99
C GLN A 249 -35.49 3.56 4.84
N PRO A 250 -36.49 3.59 5.75
CA PRO A 250 -36.64 4.79 6.57
C PRO A 250 -36.09 4.62 8.00
N SER A 251 -35.90 3.37 8.45
CA SER A 251 -35.41 3.10 9.81
C SER A 251 -33.89 2.89 9.96
N HIS A 252 -33.22 2.52 8.88
CA HIS A 252 -31.77 2.29 8.94
C HIS A 252 -31.09 2.59 7.61
N SER A 253 -31.48 3.70 6.99
CA SER A 253 -30.95 4.08 5.67
C SER A 253 -29.64 4.84 5.57
N SER A 254 -28.87 4.46 4.56
CA SER A 254 -27.57 5.03 4.23
C SER A 254 -27.40 4.72 2.76
N PRO A 255 -26.42 5.35 2.10
CA PRO A 255 -26.24 5.05 0.68
C PRO A 255 -25.81 3.59 0.48
N TYR A 256 -25.67 2.86 1.58
CA TYR A 256 -25.28 1.44 1.55
C TYR A 256 -26.51 0.57 1.28
N LEU A 257 -27.65 1.02 1.79
CA LEU A 257 -28.88 0.29 1.61
C LEU A 257 -29.18 0.41 0.14
N ILE A 258 -29.15 1.63 -0.34
CA ILE A 258 -29.40 1.95 -1.73
C ILE A 258 -28.43 1.22 -2.65
N ALA A 259 -27.16 1.18 -2.27
CA ALA A 259 -26.17 0.54 -3.10
C ALA A 259 -26.36 -0.99 -3.09
N PHE A 260 -26.84 -1.52 -1.97
CA PHE A 260 -27.07 -2.96 -1.89
C PHE A 260 -28.25 -3.31 -2.77
N LEU A 261 -29.30 -2.48 -2.69
CA LEU A 261 -30.48 -2.73 -3.49
C LEU A 261 -30.05 -2.68 -4.97
N VAL A 262 -29.26 -1.69 -5.34
CA VAL A 262 -28.82 -1.60 -6.72
C VAL A 262 -28.08 -2.89 -7.08
N ASP A 263 -27.52 -3.55 -6.08
CA ASP A 263 -26.77 -4.77 -6.33
C ASP A 263 -27.72 -5.96 -6.46
N ILE A 264 -28.83 -5.93 -5.75
CA ILE A 264 -29.75 -7.04 -5.84
C ILE A 264 -30.33 -6.92 -7.22
N TYR A 265 -30.94 -5.77 -7.47
CA TYR A 265 -31.57 -5.52 -8.74
C TYR A 265 -30.69 -6.01 -9.92
N GLU A 266 -29.39 -5.71 -9.83
CA GLU A 266 -28.45 -6.11 -10.88
C GLU A 266 -28.56 -7.62 -11.14
N ASP A 267 -28.66 -8.37 -10.05
CA ASP A 267 -28.70 -9.82 -10.10
C ASP A 267 -30.07 -10.40 -10.46
N MET A 268 -31.11 -9.61 -10.22
CA MET A 268 -32.44 -10.08 -10.55
C MET A 268 -32.61 -9.83 -12.02
N LEU A 269 -31.63 -9.11 -12.57
CA LEU A 269 -31.64 -8.78 -13.98
C LEU A 269 -30.75 -9.79 -14.72
N GLU A 270 -29.57 -10.07 -14.14
CA GLU A 270 -28.66 -11.03 -14.75
C GLU A 270 -29.43 -12.34 -14.94
N ASN A 271 -30.24 -12.66 -13.92
CA ASN A 271 -31.03 -13.88 -13.90
C ASN A 271 -32.42 -13.77 -14.54
N GLN A 272 -32.73 -12.58 -15.04
CA GLN A 272 -34.02 -12.33 -15.72
C GLN A 272 -35.22 -12.54 -14.81
N CYS A 273 -36.04 -11.51 -14.65
CA CYS A 273 -37.21 -11.57 -13.81
C CYS A 273 -38.36 -10.76 -14.34
N ASP A 274 -39.59 -11.23 -14.10
CA ASP A 274 -40.79 -10.50 -14.54
C ASP A 274 -40.75 -9.12 -13.85
N ASN A 275 -41.29 -8.11 -14.54
CA ASN A 275 -41.30 -6.74 -14.05
C ASN A 275 -39.91 -6.17 -14.23
N LYS A 276 -39.04 -6.92 -14.90
CA LYS A 276 -37.66 -6.49 -15.10
C LYS A 276 -37.57 -5.06 -15.59
N GLU A 277 -38.54 -4.64 -16.39
CA GLU A 277 -38.52 -3.28 -16.91
C GLU A 277 -38.64 -2.28 -15.76
N ASP A 278 -39.57 -2.53 -14.84
CA ASP A 278 -39.71 -1.64 -13.69
C ASP A 278 -38.46 -1.77 -12.82
N ILE A 279 -38.02 -3.00 -12.61
CA ILE A 279 -36.86 -3.24 -11.81
C ILE A 279 -35.71 -2.34 -12.31
N LEU A 280 -35.49 -2.36 -13.62
CA LEU A 280 -34.43 -1.55 -14.21
C LEU A 280 -34.69 -0.06 -13.99
N ASN A 281 -35.94 0.34 -13.93
CA ASN A 281 -36.26 1.75 -13.74
C ASN A 281 -35.91 2.11 -12.29
N LYS A 282 -36.37 1.29 -11.36
CA LYS A 282 -36.12 1.54 -9.95
C LYS A 282 -34.62 1.63 -9.69
N ALA A 283 -33.89 0.66 -10.24
CA ALA A 283 -32.45 0.56 -10.08
C ALA A 283 -31.70 1.75 -10.66
N LEU A 284 -32.17 2.28 -11.79
CA LEU A 284 -31.48 3.41 -12.41
C LEU A 284 -31.77 4.71 -11.69
N GLU A 285 -32.92 4.74 -11.04
CA GLU A 285 -33.35 5.91 -10.29
C GLU A 285 -32.45 5.96 -9.05
N LEU A 286 -32.23 4.79 -8.47
CA LEU A 286 -31.38 4.69 -7.30
C LEU A 286 -29.97 5.13 -7.73
N CYS A 287 -29.56 4.74 -8.94
CA CYS A 287 -28.22 5.08 -9.42
C CYS A 287 -28.08 6.58 -9.56
N GLU A 288 -29.18 7.26 -9.91
CA GLU A 288 -29.15 8.70 -10.08
C GLU A 288 -29.20 9.43 -8.73
N ILE A 289 -29.90 8.85 -7.76
CA ILE A 289 -29.99 9.43 -6.43
C ILE A 289 -28.62 9.37 -5.81
N LEU A 290 -28.01 8.19 -5.84
CA LEU A 290 -26.69 8.00 -5.29
C LEU A 290 -25.74 8.94 -6.04
N ALA A 291 -25.84 8.95 -7.36
CA ALA A 291 -24.98 9.78 -8.20
C ALA A 291 -25.17 11.29 -8.06
N LYS A 292 -26.42 11.71 -7.91
CA LYS A 292 -26.76 13.14 -7.81
C LYS A 292 -26.96 13.69 -6.42
N GLU A 293 -27.57 12.89 -5.55
CA GLU A 293 -27.86 13.34 -4.19
C GLU A 293 -27.21 12.52 -3.06
N LYS A 294 -27.57 11.24 -3.00
CA LYS A 294 -27.11 10.31 -1.95
C LYS A 294 -25.61 9.97 -1.77
N ASP A 295 -24.80 9.98 -2.84
CA ASP A 295 -23.39 9.61 -2.67
C ASP A 295 -22.57 10.10 -3.86
N THR A 296 -22.53 11.42 -3.99
CA THR A 296 -21.81 12.06 -5.10
C THR A 296 -20.30 11.99 -5.20
N ILE A 297 -19.61 11.52 -4.17
CA ILE A 297 -18.17 11.47 -4.30
C ILE A 297 -17.83 10.52 -5.44
N ARG A 298 -18.65 9.48 -5.60
CA ARG A 298 -18.46 8.53 -6.69
C ARG A 298 -19.64 8.66 -7.65
N LYS A 299 -19.73 9.82 -8.31
CA LYS A 299 -20.78 10.10 -9.27
C LYS A 299 -20.34 9.51 -10.62
N GLU A 300 -19.03 9.38 -10.80
CA GLU A 300 -18.45 8.83 -12.02
C GLU A 300 -18.75 7.33 -12.06
N TYR A 301 -18.71 6.69 -10.89
CA TYR A 301 -18.96 5.26 -10.80
C TYR A 301 -20.45 4.96 -10.92
N TRP A 302 -21.23 5.70 -10.16
CA TRP A 302 -22.67 5.53 -10.11
C TRP A 302 -23.43 5.76 -11.40
N ARG A 303 -22.92 6.64 -12.24
CA ARG A 303 -23.60 6.91 -13.50
C ARG A 303 -23.11 5.86 -14.45
N TYR A 304 -21.90 5.36 -14.20
CA TYR A 304 -21.32 4.31 -15.03
C TYR A 304 -22.10 3.01 -14.82
N ILE A 305 -22.65 2.83 -13.62
CA ILE A 305 -23.42 1.63 -13.30
C ILE A 305 -24.79 1.82 -13.94
N GLY A 306 -25.12 3.07 -14.21
CA GLY A 306 -26.40 3.38 -14.80
C GLY A 306 -26.33 3.01 -16.25
N ARG A 307 -25.21 3.38 -16.87
CA ARG A 307 -24.95 3.11 -18.28
C ARG A 307 -24.71 1.65 -18.57
N SER A 308 -24.11 0.93 -17.63
CA SER A 308 -23.85 -0.48 -17.88
C SER A 308 -25.19 -1.22 -17.73
N LEU A 309 -25.99 -0.72 -16.79
CA LEU A 309 -27.30 -1.28 -16.49
C LEU A 309 -28.18 -1.11 -17.70
N GLN A 310 -27.71 -0.32 -18.66
CA GLN A 310 -28.44 -0.09 -19.88
C GLN A 310 -28.13 -1.24 -20.84
N SER A 311 -26.86 -1.37 -21.18
CA SER A 311 -26.48 -2.41 -22.08
C SER A 311 -26.85 -3.72 -21.43
N LYS A 312 -26.32 -4.04 -20.18
CA LYS A 312 -26.70 -5.32 -19.65
C LYS A 312 -27.76 -5.47 -18.45
N LEU B 2 -15.62 25.64 -5.02
CA LEU B 2 -14.89 24.38 -4.78
C LEU B 2 -15.89 23.36 -4.28
N TYR B 3 -15.81 22.15 -4.83
CA TYR B 3 -16.70 21.08 -4.45
C TYR B 3 -16.73 20.95 -2.92
N SER B 4 -15.55 21.01 -2.30
CA SER B 4 -15.39 20.90 -0.86
C SER B 4 -15.90 22.04 -0.01
N LEU B 5 -15.68 23.26 -0.43
CA LEU B 5 -16.10 24.41 0.38
C LEU B 5 -17.58 24.70 0.23
N ARG B 6 -18.28 23.91 -0.58
CA ARG B 6 -19.72 24.09 -0.75
C ARG B 6 -20.47 23.74 0.56
N PRO B 7 -21.68 24.29 0.73
CA PRO B 7 -22.54 24.08 1.90
C PRO B 7 -23.25 22.71 1.98
N GLU B 8 -23.52 22.05 0.85
CA GLU B 8 -24.19 20.76 0.91
C GLU B 8 -23.18 19.65 1.22
N HIS B 9 -21.90 19.93 0.94
CA HIS B 9 -20.80 18.97 1.18
C HIS B 9 -20.69 18.68 2.68
N ALA B 10 -21.22 19.59 3.48
CA ALA B 10 -21.19 19.45 4.91
C ALA B 10 -22.09 18.34 5.40
N ARG B 11 -22.88 17.79 4.48
CA ARG B 11 -23.76 16.69 4.84
C ARG B 11 -22.99 15.39 4.65
N GLU B 12 -21.81 15.48 4.07
CA GLU B 12 -21.02 14.31 3.85
C GLU B 12 -20.28 13.96 5.11
N ARG B 13 -20.59 14.69 6.18
CA ARG B 13 -19.98 14.47 7.48
C ARG B 13 -20.36 13.09 8.02
N LEU B 14 -19.54 12.54 8.92
CA LEU B 14 -19.77 11.19 9.49
C LEU B 14 -21.03 10.94 10.31
N GLN B 15 -21.76 9.89 9.93
CA GLN B 15 -22.96 9.46 10.61
C GLN B 15 -22.49 8.41 11.61
N ASP B 16 -22.39 8.82 12.87
CA ASP B 16 -21.93 7.97 13.96
C ASP B 16 -22.89 6.86 14.39
N ASP B 17 -24.18 7.06 14.12
CA ASP B 17 -25.24 6.11 14.47
C ASP B 17 -25.41 6.13 15.97
N SER B 18 -24.71 7.08 16.61
CA SER B 18 -24.73 7.24 18.08
C SER B 18 -24.03 6.07 18.73
N VAL B 19 -23.53 5.17 17.90
CA VAL B 19 -22.82 4.01 18.38
C VAL B 19 -21.37 4.34 18.07
N GLU B 20 -20.72 5.05 18.98
CA GLU B 20 -19.34 5.45 18.77
C GLU B 20 -18.28 4.38 19.20
N THR B 21 -17.34 4.11 18.30
CA THR B 21 -16.27 3.16 18.58
C THR B 21 -14.98 3.87 18.30
N VAL B 22 -13.89 3.22 18.65
CA VAL B 22 -12.57 3.79 18.42
C VAL B 22 -12.43 4.30 16.98
N THR B 23 -13.16 3.71 16.05
CA THR B 23 -13.07 4.12 14.65
C THR B 23 -13.81 5.42 14.38
N SER B 24 -15.01 5.53 14.93
CA SER B 24 -15.82 6.74 14.72
C SER B 24 -15.03 7.93 15.21
N ILE B 25 -14.64 7.82 16.46
CA ILE B 25 -13.88 8.82 17.14
C ILE B 25 -12.76 9.36 16.31
N GLU B 26 -11.87 8.48 15.85
CA GLU B 26 -10.74 8.90 15.06
C GLU B 26 -11.14 9.57 13.76
N GLN B 27 -12.12 8.98 13.08
CA GLN B 27 -12.56 9.52 11.81
C GLN B 27 -13.09 10.92 12.06
N ALA B 28 -13.94 11.05 13.06
CA ALA B 28 -14.53 12.33 13.40
C ALA B 28 -13.45 13.36 13.73
N LYS B 29 -12.33 12.90 14.25
CA LYS B 29 -11.24 13.81 14.59
C LYS B 29 -10.59 14.38 13.33
N VAL B 30 -10.33 13.52 12.36
CA VAL B 30 -9.72 13.99 11.14
C VAL B 30 -10.70 14.93 10.49
N GLU B 31 -11.97 14.54 10.43
CA GLU B 31 -12.95 15.39 9.80
C GLU B 31 -12.96 16.83 10.33
N GLU B 32 -12.83 17.00 11.64
CA GLU B 32 -12.85 18.36 12.20
C GLU B 32 -11.58 19.13 11.77
N LYS B 33 -10.42 18.49 11.84
CA LYS B 33 -9.17 19.16 11.47
C LYS B 33 -9.23 19.55 9.98
N ILE B 34 -9.94 18.75 9.20
CA ILE B 34 -10.08 19.00 7.77
C ILE B 34 -11.10 20.11 7.56
N GLN B 35 -12.21 20.04 8.29
CA GLN B 35 -13.23 21.08 8.16
C GLN B 35 -12.51 22.41 8.33
N GLU B 36 -11.76 22.56 9.41
CA GLU B 36 -11.00 23.79 9.65
C GLU B 36 -10.32 24.25 8.36
N VAL B 37 -9.48 23.41 7.79
CA VAL B 37 -8.78 23.77 6.57
C VAL B 37 -9.76 24.26 5.53
N PHE B 38 -10.84 23.53 5.36
CA PHE B 38 -11.82 23.91 4.39
C PHE B 38 -12.29 25.33 4.72
N SER B 39 -12.88 25.52 5.88
CA SER B 39 -13.34 26.84 6.28
C SER B 39 -12.23 27.87 6.44
N SER B 40 -10.99 27.46 6.20
CA SER B 40 -9.85 28.37 6.34
C SER B 40 -10.18 29.75 5.75
N TYR B 41 -10.73 29.71 4.54
CA TYR B 41 -11.10 30.91 3.79
C TYR B 41 -12.16 31.82 4.41
N LYS B 42 -13.32 31.23 4.66
CA LYS B 42 -14.43 31.95 5.26
C LYS B 42 -13.98 32.82 6.44
N PHE B 43 -13.35 32.20 7.43
CA PHE B 43 -12.90 32.90 8.61
C PHE B 43 -11.96 34.08 8.32
N ASN B 44 -11.10 33.94 7.33
CA ASN B 44 -10.12 34.99 7.05
C ASN B 44 -10.48 36.08 6.03
N HIS B 45 -11.56 35.87 5.29
CA HIS B 45 -11.99 36.88 4.32
C HIS B 45 -11.10 37.17 3.12
N LEU B 46 -10.69 36.08 2.49
CA LEU B 46 -9.88 36.13 1.29
C LEU B 46 -10.61 35.23 0.32
N VAL B 47 -10.28 35.31 -0.96
CA VAL B 47 -10.90 34.46 -1.95
C VAL B 47 -10.02 33.20 -2.02
N PRO B 48 -10.62 32.02 -2.06
CA PRO B 48 -9.79 30.81 -2.13
C PRO B 48 -8.95 30.70 -3.38
N ARG B 49 -7.66 30.44 -3.19
CA ARG B 49 -6.76 30.28 -4.33
C ARG B 49 -5.85 29.06 -4.17
N LEU B 50 -6.29 27.92 -4.68
CA LEU B 50 -5.54 26.68 -4.62
C LEU B 50 -4.28 26.83 -5.49
N VAL B 51 -3.11 26.70 -4.88
CA VAL B 51 -1.86 26.83 -5.58
C VAL B 51 -0.86 25.77 -5.12
N LEU B 52 -0.06 25.24 -6.03
CA LEU B 52 0.94 24.23 -5.66
C LEU B 52 2.27 24.92 -5.43
N GLN B 53 2.65 25.04 -4.15
CA GLN B 53 3.90 25.69 -3.75
C GLN B 53 5.12 25.00 -4.41
N ARG B 54 5.07 24.97 -5.71
CA ARG B 54 6.08 24.36 -6.54
C ARG B 54 7.52 24.81 -6.28
N GLU B 55 7.74 26.07 -6.02
CA GLU B 55 9.12 26.49 -5.77
C GLU B 55 9.56 25.99 -4.38
N LYS B 56 8.69 26.15 -3.38
CA LYS B 56 9.02 25.71 -2.02
C LYS B 56 9.29 24.18 -2.03
N HIS B 57 8.48 23.45 -2.81
CA HIS B 57 8.62 22.00 -2.93
C HIS B 57 9.92 21.66 -3.67
N PHE B 58 10.25 22.47 -4.67
CA PHE B 58 11.45 22.24 -5.47
C PHE B 58 12.70 22.42 -4.64
N HIS B 59 12.68 23.40 -3.76
CA HIS B 59 13.86 23.67 -2.96
C HIS B 59 14.05 22.60 -1.90
N TYR B 60 12.95 21.99 -1.48
CA TYR B 60 12.96 20.92 -0.48
C TYR B 60 13.56 19.68 -1.09
N LEU B 61 12.99 19.28 -2.22
CA LEU B 61 13.45 18.13 -2.98
C LEU B 61 14.90 18.29 -3.43
N LYS B 62 15.20 19.45 -4.01
CA LYS B 62 16.52 19.77 -4.51
C LYS B 62 17.60 19.57 -3.45
N ARG B 63 17.24 19.83 -2.18
CA ARG B 63 18.18 19.70 -1.05
C ARG B 63 18.36 18.25 -0.58
N GLY B 64 17.23 17.54 -0.53
CA GLY B 64 17.21 16.16 -0.09
C GLY B 64 17.91 15.23 -1.04
N LEU B 65 18.05 15.63 -2.30
CA LEU B 65 18.71 14.76 -3.26
C LEU B 65 20.20 14.78 -2.96
N ARG B 66 20.60 15.80 -2.21
CA ARG B 66 21.99 15.96 -1.89
C ARG B 66 22.37 15.46 -0.49
N GLN B 67 21.53 15.72 0.50
CA GLN B 67 21.82 15.25 1.85
C GLN B 67 20.63 15.38 2.77
N LEU B 68 20.57 14.48 3.73
CA LEU B 68 19.50 14.46 4.72
C LEU B 68 20.06 14.47 6.15
N THR B 69 19.25 14.96 7.10
CA THR B 69 19.66 15.00 8.50
C THR B 69 19.60 13.58 9.09
N ASP B 70 20.07 13.43 10.31
CA ASP B 70 20.05 12.13 10.95
C ASP B 70 18.63 11.67 11.21
N ALA B 71 17.66 12.50 10.88
CA ALA B 71 16.27 12.12 11.08
C ALA B 71 15.94 11.04 10.05
N TYR B 72 16.80 10.93 9.05
CA TYR B 72 16.64 9.97 7.98
C TYR B 72 17.52 8.72 8.16
N GLU B 73 17.96 8.51 9.39
CA GLU B 73 18.81 7.38 9.71
C GLU B 73 17.91 6.15 9.57
N CYS B 74 16.59 6.35 9.74
CA CYS B 74 15.61 5.25 9.69
C CYS B 74 15.28 4.74 8.28
N LEU B 75 15.78 5.44 7.28
CA LEU B 75 15.56 5.07 5.89
C LEU B 75 16.93 4.82 5.28
N ASP B 76 17.88 4.47 6.14
CA ASP B 76 19.26 4.21 5.75
C ASP B 76 19.40 2.97 4.89
N ALA B 77 18.34 2.19 4.82
CA ALA B 77 18.33 0.97 4.03
C ALA B 77 17.34 1.14 2.87
N SER B 78 16.93 2.38 2.63
CA SER B 78 16.00 2.70 1.55
C SER B 78 16.53 3.85 0.73
N ARG B 79 17.82 3.89 0.50
CA ARG B 79 18.34 5.01 -0.21
C ARG B 79 17.89 5.08 -1.69
N PRO B 80 17.84 3.93 -2.39
CA PRO B 80 17.41 4.09 -3.78
C PRO B 80 15.99 4.65 -3.81
N TRP B 81 15.26 4.47 -2.71
CA TRP B 81 13.92 4.98 -2.65
C TRP B 81 13.96 6.50 -2.56
N LEU B 82 14.91 7.01 -1.78
CA LEU B 82 14.99 8.45 -1.64
C LEU B 82 15.32 9.06 -3.00
N CYS B 83 16.15 8.38 -3.79
CA CYS B 83 16.47 8.89 -5.11
C CYS B 83 15.17 8.91 -5.94
N TYR B 84 14.47 7.78 -5.93
CA TYR B 84 13.26 7.68 -6.71
C TYR B 84 12.18 8.71 -6.32
N TRP B 85 11.89 8.79 -5.04
CA TRP B 85 10.87 9.74 -4.62
C TRP B 85 11.21 11.17 -5.03
N ILE B 86 12.44 11.58 -4.80
CA ILE B 86 12.87 12.92 -5.10
C ILE B 86 12.88 13.14 -6.60
N LEU B 87 13.60 12.26 -7.28
CA LEU B 87 13.74 12.31 -8.73
C LEU B 87 12.46 12.09 -9.50
N HIS B 88 11.37 11.87 -8.77
CA HIS B 88 10.12 11.66 -9.45
C HIS B 88 9.23 12.84 -9.15
N SER B 89 9.44 13.44 -8.00
CA SER B 89 8.66 14.60 -7.64
C SER B 89 9.16 15.71 -8.55
N LEU B 90 10.49 15.82 -8.66
CA LEU B 90 11.08 16.83 -9.54
C LEU B 90 10.55 16.57 -10.95
N GLU B 91 10.52 15.29 -11.30
CA GLU B 91 10.04 14.87 -12.60
C GLU B 91 8.60 15.33 -12.87
N LEU B 92 7.78 15.32 -11.83
CA LEU B 92 6.41 15.76 -12.01
C LEU B 92 6.31 17.26 -11.95
N LEU B 93 7.19 17.91 -11.20
CA LEU B 93 7.17 19.35 -11.07
C LEU B 93 7.85 19.97 -12.28
N ASP B 94 8.20 19.11 -13.24
CA ASP B 94 8.86 19.50 -14.49
C ASP B 94 10.20 20.17 -14.20
N GLU B 95 10.77 19.89 -13.04
CA GLU B 95 12.04 20.50 -12.67
C GLU B 95 13.21 19.73 -13.32
N PRO B 96 14.40 20.34 -13.38
CA PRO B 96 15.66 19.83 -13.96
C PRO B 96 16.44 18.78 -13.17
N ILE B 97 17.12 17.91 -13.92
CA ILE B 97 17.96 16.87 -13.34
C ILE B 97 19.35 17.03 -13.92
N PRO B 98 20.15 17.99 -13.41
CA PRO B 98 21.52 18.28 -13.85
C PRO B 98 22.33 17.10 -14.33
N GLN B 99 22.91 17.24 -15.52
CA GLN B 99 23.69 16.20 -16.14
C GLN B 99 24.83 15.67 -15.27
N ILE B 100 25.06 16.31 -14.13
CA ILE B 100 26.12 15.93 -13.20
C ILE B 100 25.51 15.20 -12.02
N VAL B 101 24.36 15.69 -11.56
CA VAL B 101 23.69 15.08 -10.41
C VAL B 101 23.16 13.70 -10.82
N ALA B 102 22.57 13.64 -12.01
CA ALA B 102 22.03 12.40 -12.54
C ALA B 102 23.12 11.34 -12.60
N THR B 103 24.32 11.78 -12.93
CA THR B 103 25.44 10.86 -13.01
C THR B 103 25.78 10.33 -11.63
N ASP B 104 25.89 11.25 -10.65
CA ASP B 104 26.18 10.85 -9.27
C ASP B 104 25.14 9.83 -8.84
N VAL B 105 23.88 10.11 -9.16
CA VAL B 105 22.82 9.18 -8.79
C VAL B 105 23.14 7.83 -9.43
N CYS B 106 23.48 7.87 -10.71
CA CYS B 106 23.82 6.63 -11.44
C CYS B 106 25.00 5.91 -10.80
N GLN B 107 25.99 6.70 -10.39
CA GLN B 107 27.20 6.20 -9.78
C GLN B 107 26.91 5.63 -8.41
N PHE B 108 25.98 6.26 -7.68
CA PHE B 108 25.64 5.82 -6.34
C PHE B 108 24.86 4.52 -6.41
N LEU B 109 23.87 4.47 -7.31
CA LEU B 109 23.05 3.27 -7.47
C LEU B 109 23.91 2.08 -7.90
N GLU B 110 24.96 2.37 -8.66
CA GLU B 110 25.89 1.34 -9.09
C GLU B 110 26.54 0.71 -7.85
N LEU B 111 26.71 1.52 -6.80
CA LEU B 111 27.31 1.10 -5.52
C LEU B 111 26.29 0.32 -4.69
N CYS B 112 25.01 0.55 -4.95
CA CYS B 112 23.91 -0.11 -4.24
C CYS B 112 23.66 -1.47 -4.86
N GLN B 113 23.89 -1.57 -6.16
CA GLN B 113 23.69 -2.81 -6.91
C GLN B 113 24.57 -3.97 -6.41
N SER B 114 24.00 -5.17 -6.34
CA SER B 114 24.70 -6.34 -5.86
C SER B 114 25.34 -7.20 -6.94
N PRO B 115 26.50 -7.81 -6.66
CA PRO B 115 27.17 -8.67 -7.65
C PRO B 115 26.31 -9.87 -7.96
N ASP B 116 25.29 -10.07 -7.14
CA ASP B 116 24.39 -11.20 -7.38
C ASP B 116 23.14 -10.70 -8.12
N GLY B 117 23.15 -9.41 -8.47
CA GLY B 117 22.03 -8.82 -9.19
C GLY B 117 21.06 -8.10 -8.27
N GLY B 118 20.32 -7.12 -8.78
CA GLY B 118 19.39 -6.38 -7.94
C GLY B 118 20.10 -5.26 -7.17
N PHE B 119 19.33 -4.55 -6.33
CA PHE B 119 19.89 -3.45 -5.57
C PHE B 119 19.66 -3.52 -4.07
N GLY B 120 20.60 -3.00 -3.29
CA GLY B 120 20.44 -2.98 -1.85
C GLY B 120 19.93 -1.62 -1.41
N GLY B 121 19.82 -1.42 -0.11
CA GLY B 121 19.29 -0.16 0.41
C GLY B 121 20.33 0.91 0.46
N GLY B 122 21.59 0.53 0.23
CA GLY B 122 22.68 1.47 0.25
C GLY B 122 23.95 0.76 -0.14
N PRO B 123 25.09 1.45 -0.25
CA PRO B 123 26.26 0.69 -0.64
C PRO B 123 26.48 -0.49 0.31
N GLY B 124 26.72 -1.66 -0.27
CA GLY B 124 26.99 -2.85 0.50
C GLY B 124 25.85 -3.64 1.11
N GLN B 125 24.61 -3.24 0.88
CA GLN B 125 23.48 -3.96 1.44
C GLN B 125 22.97 -5.06 0.50
N TYR B 126 22.49 -6.15 1.07
CA TYR B 126 21.97 -7.27 0.31
C TYR B 126 20.87 -6.76 -0.57
N PRO B 127 20.78 -7.26 -1.82
CA PRO B 127 19.74 -6.82 -2.74
C PRO B 127 18.39 -7.14 -2.17
N HIS B 128 17.41 -6.32 -2.48
CA HIS B 128 16.05 -6.46 -1.98
C HIS B 128 15.18 -5.93 -3.13
N LEU B 129 14.01 -6.52 -3.34
CA LEU B 129 13.15 -6.11 -4.44
C LEU B 129 12.59 -4.69 -4.32
N ALA B 130 12.36 -4.19 -3.11
CA ALA B 130 11.83 -2.85 -3.01
C ALA B 130 12.88 -1.85 -3.55
N PRO B 131 14.14 -1.90 -3.07
CA PRO B 131 15.20 -0.98 -3.53
C PRO B 131 15.51 -1.17 -4.99
N THR B 132 15.34 -2.41 -5.45
CA THR B 132 15.58 -2.76 -6.85
C THR B 132 14.55 -2.04 -7.72
N TYR B 133 13.28 -2.22 -7.32
CA TYR B 133 12.23 -1.54 -8.05
C TYR B 133 12.51 -0.03 -8.13
N ALA B 134 12.90 0.53 -7.00
CA ALA B 134 13.20 1.94 -6.90
C ALA B 134 14.39 2.36 -7.75
N ALA B 135 15.48 1.62 -7.65
CA ALA B 135 16.68 1.95 -8.41
C ALA B 135 16.37 1.97 -9.89
N VAL B 136 15.70 0.92 -10.35
CA VAL B 136 15.35 0.83 -11.76
C VAL B 136 14.49 2.03 -12.21
N ASN B 137 13.49 2.37 -11.42
CA ASN B 137 12.63 3.49 -11.77
C ASN B 137 13.46 4.76 -11.81
N ALA B 138 14.39 4.91 -10.87
CA ALA B 138 15.20 6.09 -10.84
C ALA B 138 15.98 6.14 -12.16
N LEU B 139 16.79 5.11 -12.39
CA LEU B 139 17.61 5.03 -13.60
C LEU B 139 16.82 5.36 -14.87
N CYS B 140 15.55 4.98 -14.91
CA CYS B 140 14.75 5.24 -16.08
C CYS B 140 14.29 6.68 -16.13
N ILE B 141 14.01 7.26 -14.97
CA ILE B 141 13.58 8.65 -14.95
C ILE B 141 14.72 9.46 -15.57
N ILE B 142 15.95 9.12 -15.22
CA ILE B 142 17.08 9.82 -15.79
C ILE B 142 16.99 9.45 -17.26
N GLY B 143 17.13 8.16 -17.54
CA GLY B 143 17.01 7.66 -18.90
C GLY B 143 18.05 8.02 -19.94
N THR B 144 19.28 7.57 -19.71
CA THR B 144 20.40 7.84 -20.58
C THR B 144 21.19 6.57 -20.76
N GLU B 145 21.98 6.48 -21.83
CA GLU B 145 22.78 5.29 -22.05
C GLU B 145 23.49 4.89 -20.75
N GLU B 146 23.98 5.89 -20.02
CA GLU B 146 24.70 5.66 -18.77
C GLU B 146 23.81 5.04 -17.69
N ALA B 147 22.70 5.69 -17.41
CA ALA B 147 21.80 5.18 -16.39
C ALA B 147 21.36 3.77 -16.74
N TYR B 148 20.78 3.60 -17.91
CA TYR B 148 20.33 2.27 -18.34
C TYR B 148 21.46 1.26 -18.20
N ASN B 149 22.66 1.67 -18.53
CA ASN B 149 23.79 0.78 -18.52
C ASN B 149 24.25 0.39 -17.13
N VAL B 150 23.71 1.04 -16.09
CA VAL B 150 24.10 0.69 -14.72
C VAL B 150 23.50 -0.68 -14.38
N ILE B 151 22.28 -0.90 -14.89
CA ILE B 151 21.51 -2.11 -14.66
C ILE B 151 22.07 -3.38 -15.30
N ASN B 152 22.49 -4.32 -14.46
CA ASN B 152 23.02 -5.61 -14.93
C ASN B 152 21.86 -6.60 -15.13
N ARG B 153 21.39 -6.68 -16.37
CA ARG B 153 20.26 -7.52 -16.75
C ARG B 153 20.45 -9.02 -16.65
N GLU B 154 21.68 -9.49 -16.84
CA GLU B 154 21.93 -10.92 -16.81
C GLU B 154 21.95 -11.35 -15.35
N LYS B 155 22.30 -10.41 -14.48
CA LYS B 155 22.37 -10.69 -13.06
C LYS B 155 21.02 -10.50 -12.41
N LEU B 156 20.26 -9.56 -12.97
CA LEU B 156 18.93 -9.24 -12.46
C LEU B 156 18.00 -10.44 -12.61
N LEU B 157 18.15 -11.18 -13.70
CA LEU B 157 17.31 -12.35 -13.92
C LEU B 157 17.70 -13.41 -12.89
N GLN B 158 19.00 -13.59 -12.70
CA GLN B 158 19.49 -14.58 -11.73
C GLN B 158 18.80 -14.31 -10.43
N TYR B 159 18.91 -13.06 -10.01
CA TYR B 159 18.36 -12.60 -8.76
C TYR B 159 16.87 -12.84 -8.67
N LEU B 160 16.16 -12.40 -9.71
CA LEU B 160 14.70 -12.59 -9.75
C LEU B 160 14.36 -14.06 -9.58
N TYR B 161 15.10 -14.90 -10.30
CA TYR B 161 14.87 -16.32 -10.20
C TYR B 161 15.20 -16.82 -8.79
N SER B 162 16.16 -16.18 -8.13
CA SER B 162 16.58 -16.61 -6.82
C SER B 162 15.49 -16.44 -5.80
N LEU B 163 14.58 -15.51 -6.04
CA LEU B 163 13.50 -15.25 -5.07
C LEU B 163 12.20 -15.99 -5.37
N LYS B 164 12.06 -16.40 -6.62
CA LYS B 164 10.87 -17.10 -7.08
C LYS B 164 10.46 -18.31 -6.23
N GLN B 165 9.16 -18.37 -5.92
CA GLN B 165 8.56 -19.43 -5.11
C GLN B 165 7.73 -20.38 -5.89
N PRO B 166 7.69 -21.65 -5.47
CA PRO B 166 6.90 -22.65 -6.17
C PRO B 166 5.44 -22.27 -6.34
N ASP B 167 4.86 -21.58 -5.39
CA ASP B 167 3.46 -21.23 -5.56
C ASP B 167 3.22 -19.99 -6.41
N GLY B 168 4.28 -19.45 -7.00
CA GLY B 168 4.11 -18.27 -7.85
C GLY B 168 4.51 -16.95 -7.25
N SER B 169 4.67 -16.90 -5.94
CA SER B 169 5.09 -15.67 -5.30
C SER B 169 6.63 -15.60 -5.30
N PHE B 170 7.16 -14.44 -4.92
CA PHE B 170 8.61 -14.22 -4.85
C PHE B 170 8.90 -13.74 -3.42
N LEU B 171 10.14 -13.85 -2.98
CA LEU B 171 10.52 -13.37 -1.65
C LEU B 171 10.94 -11.96 -1.97
N MET B 172 11.00 -11.09 -0.97
CA MET B 172 11.43 -9.72 -1.22
C MET B 172 12.96 -9.71 -1.30
N HIS B 173 13.57 -10.64 -0.56
CA HIS B 173 15.01 -10.81 -0.56
C HIS B 173 15.32 -12.19 -0.05
N VAL B 174 16.55 -12.62 -0.22
CA VAL B 174 16.93 -13.96 0.22
C VAL B 174 16.71 -14.04 1.73
N GLY B 175 15.90 -15.02 2.14
CA GLY B 175 15.63 -15.20 3.55
C GLY B 175 14.65 -14.16 4.02
N GLY B 176 14.07 -13.44 3.06
CA GLY B 176 13.09 -12.41 3.37
C GLY B 176 11.62 -12.84 3.25
N GLU B 177 10.69 -11.93 3.61
CA GLU B 177 9.25 -12.18 3.58
C GLU B 177 8.61 -12.21 2.18
N VAL B 178 7.38 -12.69 2.15
CA VAL B 178 6.61 -12.79 0.92
C VAL B 178 5.28 -12.05 1.04
N ASP B 179 4.92 -11.27 0.02
CA ASP B 179 3.64 -10.52 -0.04
C ASP B 179 3.59 -9.93 -1.46
N VAL B 180 2.45 -9.43 -1.90
CA VAL B 180 2.37 -8.91 -3.27
C VAL B 180 3.40 -7.93 -3.78
N ARG B 181 4.01 -7.14 -2.90
CA ARG B 181 4.97 -6.16 -3.36
C ARG B 181 6.04 -6.84 -4.20
N SER B 182 6.42 -8.04 -3.80
CA SER B 182 7.47 -8.76 -4.55
C SER B 182 7.06 -9.03 -6.01
N ALA B 183 5.78 -9.33 -6.19
CA ALA B 183 5.26 -9.64 -7.52
C ALA B 183 5.32 -8.44 -8.44
N TYR B 184 4.90 -7.29 -7.92
CA TYR B 184 4.89 -6.06 -8.70
C TYR B 184 6.32 -5.58 -8.92
N CYS B 185 7.13 -5.68 -7.87
CA CYS B 185 8.50 -5.24 -7.99
C CYS B 185 9.20 -6.01 -9.11
N ALA B 186 9.09 -7.33 -9.05
CA ALA B 186 9.72 -8.15 -10.06
C ALA B 186 9.17 -7.82 -11.45
N ALA B 187 7.85 -7.86 -11.56
CA ALA B 187 7.22 -7.57 -12.85
C ALA B 187 7.61 -6.23 -13.46
N SER B 188 7.65 -5.20 -12.62
CA SER B 188 8.01 -3.85 -13.09
C SER B 188 9.45 -3.76 -13.63
N VAL B 189 10.41 -4.31 -12.88
CA VAL B 189 11.81 -4.24 -13.32
C VAL B 189 12.14 -5.20 -14.46
N ALA B 190 11.54 -6.38 -14.40
CA ALA B 190 11.81 -7.38 -15.42
C ALA B 190 11.26 -6.95 -16.77
N SER B 191 10.05 -6.39 -16.76
CA SER B 191 9.44 -5.95 -18.01
C SER B 191 10.20 -4.77 -18.62
N LEU B 192 10.41 -3.73 -17.82
CA LEU B 192 11.13 -2.55 -18.30
C LEU B 192 12.50 -2.93 -18.90
N THR B 193 13.28 -3.74 -18.19
CA THR B 193 14.59 -4.13 -18.69
C THR B 193 14.53 -5.31 -19.68
N ASN B 194 13.32 -5.78 -19.99
CA ASN B 194 13.19 -6.88 -20.94
C ASN B 194 14.02 -8.13 -20.59
N ILE B 195 13.67 -8.76 -19.47
CA ILE B 195 14.36 -9.97 -19.05
C ILE B 195 13.34 -11.04 -18.77
N ILE B 196 12.10 -10.77 -19.14
CA ILE B 196 11.04 -11.74 -18.91
C ILE B 196 11.13 -12.94 -19.82
N THR B 197 11.50 -14.07 -19.23
CA THR B 197 11.60 -15.34 -19.92
C THR B 197 10.19 -15.93 -19.92
N PRO B 198 10.00 -17.11 -20.52
CA PRO B 198 8.66 -17.73 -20.55
C PRO B 198 8.16 -18.27 -19.21
N ASP B 199 9.05 -18.77 -18.36
CA ASP B 199 8.64 -19.33 -17.10
C ASP B 199 8.98 -18.47 -15.88
N LEU B 200 9.48 -17.26 -16.10
CA LEU B 200 9.82 -16.38 -14.99
C LEU B 200 8.65 -16.20 -14.02
N PHE B 201 7.54 -15.70 -14.53
CA PHE B 201 6.34 -15.46 -13.72
C PHE B 201 5.32 -16.57 -13.74
N GLU B 202 5.80 -17.81 -13.89
CA GLU B 202 4.95 -18.97 -13.93
C GLU B 202 4.11 -19.08 -12.65
N GLY B 203 2.78 -19.04 -12.81
CA GLY B 203 1.88 -19.15 -11.67
C GLY B 203 1.77 -17.89 -10.82
N THR B 204 2.44 -16.83 -11.23
CA THR B 204 2.40 -15.60 -10.46
C THR B 204 1.02 -14.94 -10.52
N ALA B 205 0.38 -14.97 -11.68
CA ALA B 205 -0.91 -14.30 -11.80
C ALA B 205 -1.90 -15.02 -10.95
N GLU B 206 -1.70 -16.30 -10.76
CA GLU B 206 -2.63 -17.09 -9.98
C GLU B 206 -2.52 -16.81 -8.50
N TRP B 207 -1.30 -16.57 -8.04
CA TRP B 207 -1.09 -16.29 -6.65
C TRP B 207 -1.68 -14.92 -6.34
N ILE B 208 -1.38 -13.95 -7.19
CA ILE B 208 -1.88 -12.60 -7.02
C ILE B 208 -3.39 -12.59 -6.99
N ALA B 209 -4.01 -13.48 -7.75
CA ALA B 209 -5.48 -13.55 -7.79
C ALA B 209 -6.04 -14.14 -6.51
N ARG B 210 -5.22 -14.85 -5.77
CA ARG B 210 -5.65 -15.47 -4.53
C ARG B 210 -5.62 -14.42 -3.44
N CYS B 211 -4.93 -13.32 -3.71
CA CYS B 211 -4.83 -12.26 -2.72
C CYS B 211 -6.14 -11.46 -2.70
N GLN B 212 -6.93 -11.57 -3.78
CA GLN B 212 -8.23 -10.85 -3.87
C GLN B 212 -9.20 -11.53 -2.93
N ASN B 213 -9.74 -10.81 -1.94
CA ASN B 213 -10.69 -11.37 -0.97
C ASN B 213 -12.17 -10.92 -1.12
N TRP B 214 -12.99 -11.29 -0.13
CA TRP B 214 -14.42 -10.97 -0.12
C TRP B 214 -14.80 -9.50 -0.30
N GLU B 215 -13.84 -8.59 -0.12
CA GLU B 215 -14.07 -7.14 -0.27
C GLU B 215 -13.96 -6.60 -1.69
N GLY B 216 -13.41 -7.41 -2.59
CA GLY B 216 -13.26 -6.97 -3.96
C GLY B 216 -11.84 -6.48 -4.10
N GLY B 217 -11.20 -6.18 -2.96
CA GLY B 217 -9.82 -5.70 -2.93
C GLY B 217 -8.78 -6.80 -2.79
N ILE B 218 -7.50 -6.44 -2.87
CA ILE B 218 -6.43 -7.39 -2.79
C ILE B 218 -5.67 -7.18 -1.48
N GLY B 219 -5.21 -8.26 -0.86
CA GLY B 219 -4.48 -8.20 0.40
C GLY B 219 -3.00 -8.53 0.24
N GLY B 220 -2.19 -8.43 1.29
CA GLY B 220 -0.76 -8.71 1.20
C GLY B 220 -0.41 -10.12 0.76
N VAL B 221 -1.20 -11.07 1.26
CA VAL B 221 -1.05 -12.48 0.95
C VAL B 221 -2.45 -13.07 0.93
N PRO B 222 -2.68 -14.22 0.29
CA PRO B 222 -4.04 -14.75 0.31
C PRO B 222 -4.60 -14.83 1.72
N GLY B 223 -5.83 -14.39 1.90
CA GLY B 223 -6.48 -14.43 3.21
C GLY B 223 -6.49 -13.12 3.95
N MET B 224 -5.62 -12.19 3.56
CA MET B 224 -5.56 -10.91 4.24
C MET B 224 -6.50 -9.83 3.76
N GLU B 225 -6.73 -8.86 4.63
CA GLU B 225 -7.63 -7.74 4.38
C GLU B 225 -7.22 -6.93 3.15
N ALA B 226 -8.21 -6.49 2.36
CA ALA B 226 -7.93 -5.70 1.15
C ALA B 226 -7.27 -4.41 1.61
N HIS B 227 -6.17 -4.07 0.94
CA HIS B 227 -5.37 -2.92 1.29
C HIS B 227 -4.96 -2.19 0.03
N GLY B 228 -5.02 -0.86 0.07
CA GLY B 228 -4.68 -0.10 -1.12
C GLY B 228 -3.31 -0.21 -1.76
N GLY B 229 -2.29 -0.34 -0.92
CA GLY B 229 -0.94 -0.43 -1.44
C GLY B 229 -0.69 -1.77 -2.08
N TYR B 230 -1.41 -2.78 -1.58
CA TYR B 230 -1.25 -4.14 -2.06
C TYR B 230 -2.13 -4.34 -3.28
N THR B 231 -3.26 -3.65 -3.31
CA THR B 231 -4.16 -3.78 -4.43
C THR B 231 -3.51 -3.15 -5.66
N PHE B 232 -2.74 -2.08 -5.44
CA PHE B 232 -2.08 -1.43 -6.56
C PHE B 232 -1.00 -2.41 -7.07
N CYS B 233 -0.29 -3.05 -6.15
CA CYS B 233 0.77 -3.98 -6.53
C CYS B 233 0.20 -5.14 -7.31
N GLY B 234 -0.94 -5.63 -6.85
CA GLY B 234 -1.55 -6.75 -7.51
C GLY B 234 -2.08 -6.39 -8.89
N LEU B 235 -2.95 -5.41 -8.95
CA LEU B 235 -3.53 -5.00 -10.22
C LEU B 235 -2.42 -4.65 -11.20
N ALA B 236 -1.58 -3.70 -10.85
CA ALA B 236 -0.50 -3.29 -11.73
C ALA B 236 0.36 -4.47 -12.18
N ALA B 237 0.56 -5.44 -11.31
CA ALA B 237 1.37 -6.58 -11.66
C ALA B 237 0.62 -7.39 -12.72
N LEU B 238 -0.68 -7.48 -12.57
CA LEU B 238 -1.45 -8.25 -13.52
C LEU B 238 -1.53 -7.51 -14.87
N VAL B 239 -1.56 -6.20 -14.81
CA VAL B 239 -1.62 -5.43 -16.04
C VAL B 239 -0.35 -5.71 -16.83
N ILE B 240 0.79 -5.70 -16.14
CA ILE B 240 2.08 -5.96 -16.78
C ILE B 240 2.03 -7.34 -17.45
N LEU B 241 1.68 -8.36 -16.67
CA LEU B 241 1.58 -9.75 -17.14
C LEU B 241 0.43 -9.95 -18.10
N LYS B 242 -0.33 -8.89 -18.32
CA LYS B 242 -1.45 -8.92 -19.24
C LYS B 242 -2.48 -9.94 -18.78
N LYS B 243 -2.75 -9.93 -17.49
CA LYS B 243 -3.71 -10.85 -16.89
C LYS B 243 -4.69 -10.24 -15.89
N GLU B 244 -4.98 -8.96 -16.03
CA GLU B 244 -5.92 -8.28 -15.14
C GLU B 244 -7.15 -9.16 -14.97
N ARG B 245 -7.54 -9.79 -16.06
CA ARG B 245 -8.74 -10.61 -16.08
C ARG B 245 -8.75 -11.78 -15.12
N SER B 246 -7.63 -12.03 -14.46
CA SER B 246 -7.57 -13.15 -13.52
C SER B 246 -8.31 -12.73 -12.24
N LEU B 247 -8.84 -11.50 -12.24
CA LEU B 247 -9.54 -10.97 -11.07
C LEU B 247 -10.98 -10.67 -11.38
N ASN B 248 -11.78 -10.37 -10.35
CA ASN B 248 -13.16 -10.00 -10.57
C ASN B 248 -13.05 -8.48 -10.58
N LEU B 249 -12.94 -7.89 -11.77
CA LEU B 249 -12.78 -6.46 -11.91
C LEU B 249 -14.01 -5.68 -11.48
N LYS B 250 -15.16 -6.33 -11.48
CA LYS B 250 -16.35 -5.61 -11.09
C LYS B 250 -16.19 -5.22 -9.63
N SER B 251 -16.19 -6.22 -8.77
CA SER B 251 -16.02 -5.97 -7.35
C SER B 251 -14.77 -5.19 -6.99
N LEU B 252 -13.70 -5.35 -7.75
CA LEU B 252 -12.49 -4.63 -7.42
C LEU B 252 -12.86 -3.15 -7.60
N LEU B 253 -13.58 -2.86 -8.68
CA LEU B 253 -14.01 -1.49 -8.94
C LEU B 253 -14.90 -0.91 -7.84
N GLN B 254 -15.86 -1.68 -7.35
CA GLN B 254 -16.73 -1.18 -6.32
C GLN B 254 -15.92 -0.92 -5.07
N TRP B 255 -14.94 -1.79 -4.81
CA TRP B 255 -14.09 -1.62 -3.63
C TRP B 255 -13.23 -0.35 -3.69
N VAL B 256 -12.44 -0.20 -4.74
CA VAL B 256 -11.58 0.95 -4.85
C VAL B 256 -12.38 2.25 -4.77
N THR B 257 -13.47 2.34 -5.53
CA THR B 257 -14.30 3.55 -5.52
C THR B 257 -14.91 3.85 -4.16
N SER B 258 -15.04 2.83 -3.34
CA SER B 258 -15.60 3.04 -2.02
C SER B 258 -14.55 3.64 -1.09
N ARG B 259 -13.29 3.57 -1.50
CA ARG B 259 -12.19 4.08 -0.70
C ARG B 259 -11.99 5.58 -0.66
N GLN B 260 -12.70 6.30 -1.51
CA GLN B 260 -12.56 7.74 -1.49
C GLN B 260 -13.50 8.25 -0.41
N MET B 261 -12.98 9.13 0.43
CA MET B 261 -13.72 9.73 1.52
C MET B 261 -14.68 10.82 1.07
N ARG B 262 -15.97 10.54 1.17
CA ARG B 262 -17.00 11.47 0.78
C ARG B 262 -16.78 12.89 1.35
N PHE B 263 -16.38 12.97 2.60
CA PHE B 263 -16.19 14.25 3.21
C PHE B 263 -14.81 14.84 2.98
N GLU B 264 -13.77 14.03 3.03
CA GLU B 264 -12.42 14.58 2.87
C GLU B 264 -11.98 14.74 1.44
N GLY B 265 -12.40 13.81 0.58
CA GLY B 265 -12.03 13.89 -0.82
C GLY B 265 -10.88 12.98 -1.22
N GLY B 266 -9.99 12.70 -0.27
CA GLY B 266 -8.85 11.85 -0.53
C GLY B 266 -9.23 10.41 -0.29
N PHE B 267 -8.28 9.49 -0.47
CA PHE B 267 -8.56 8.07 -0.29
C PHE B 267 -8.08 7.44 1.00
N GLN B 268 -8.67 6.30 1.34
CA GLN B 268 -8.24 5.55 2.51
C GLN B 268 -7.60 4.24 2.00
N GLY B 269 -6.67 3.70 2.77
CA GLY B 269 -6.02 2.47 2.35
C GLY B 269 -6.83 1.23 2.60
N ARG B 270 -7.70 1.28 3.62
CA ARG B 270 -8.54 0.15 4.01
C ARG B 270 -9.92 0.62 4.44
N CYS B 271 -10.95 -0.19 4.23
CA CYS B 271 -12.29 0.22 4.64
C CYS B 271 -12.23 0.59 6.12
N ASN B 272 -12.90 1.66 6.47
CA ASN B 272 -12.93 2.11 7.84
C ASN B 272 -11.59 2.55 8.48
N LYS B 273 -10.65 3.03 7.67
CA LYS B 273 -9.39 3.55 8.20
C LYS B 273 -9.50 5.05 7.87
N LEU B 274 -8.42 5.80 8.03
CA LEU B 274 -8.50 7.23 7.75
C LEU B 274 -7.88 7.59 6.41
N VAL B 275 -8.12 8.81 5.96
CA VAL B 275 -7.56 9.27 4.70
C VAL B 275 -6.08 9.38 4.88
N ASP B 276 -5.34 9.31 3.77
CA ASP B 276 -3.89 9.46 3.80
C ASP B 276 -3.41 9.82 2.39
N GLY B 277 -2.74 10.97 2.28
CA GLY B 277 -2.22 11.44 1.00
C GLY B 277 -1.46 10.47 0.12
N CYS B 278 -0.74 9.50 0.67
CA CYS B 278 0.00 8.61 -0.22
C CYS B 278 -0.97 7.73 -1.03
N TYR B 279 -2.16 7.53 -0.48
CA TYR B 279 -3.14 6.70 -1.15
C TYR B 279 -3.80 7.40 -2.27
N SER B 280 -3.41 8.65 -2.48
CA SER B 280 -3.97 9.41 -3.56
C SER B 280 -3.45 8.72 -4.79
N PHE B 281 -2.34 8.00 -4.65
CA PHE B 281 -1.79 7.29 -5.81
C PHE B 281 -2.06 5.81 -5.75
N TRP B 282 -1.83 5.18 -4.61
CA TRP B 282 -2.02 3.73 -4.53
C TRP B 282 -3.47 3.34 -4.82
N GLN B 283 -4.43 4.14 -4.36
CA GLN B 283 -5.84 3.82 -4.60
C GLN B 283 -6.37 4.46 -5.87
N ALA B 284 -6.15 5.76 -6.04
CA ALA B 284 -6.67 6.45 -7.22
C ALA B 284 -6.01 5.93 -8.49
N GLY B 285 -4.75 5.49 -8.38
CA GLY B 285 -4.08 5.00 -9.56
C GLY B 285 -4.70 3.74 -10.14
N LEU B 286 -5.57 3.11 -9.35
CA LEU B 286 -6.24 1.86 -9.74
C LEU B 286 -7.36 2.03 -10.77
N LEU B 287 -7.86 3.24 -10.91
CA LEU B 287 -8.91 3.46 -11.87
C LEU B 287 -8.35 3.52 -13.30
N PRO B 288 -7.24 4.26 -13.52
CA PRO B 288 -6.73 4.29 -14.90
C PRO B 288 -6.40 2.85 -15.30
N LEU B 289 -5.88 2.09 -14.35
CA LEU B 289 -5.53 0.71 -14.61
C LEU B 289 -6.82 -0.02 -14.94
N LEU B 290 -7.85 0.26 -14.17
CA LEU B 290 -9.14 -0.37 -14.39
C LEU B 290 -9.89 0.21 -15.59
N HIS B 291 -9.41 1.30 -16.17
CA HIS B 291 -10.11 1.82 -17.31
C HIS B 291 -9.65 0.89 -18.43
N ARG B 292 -8.33 0.88 -18.65
CA ARG B 292 -7.74 0.03 -19.68
C ARG B 292 -8.37 -1.36 -19.59
N ALA B 293 -8.18 -1.99 -18.45
CA ALA B 293 -8.71 -3.32 -18.25
C ALA B 293 -10.13 -3.47 -18.81
N LEU B 294 -11.05 -2.67 -18.32
CA LEU B 294 -12.44 -2.77 -18.72
C LEU B 294 -12.70 -2.47 -20.17
N HIS B 295 -12.06 -1.43 -20.68
CA HIS B 295 -12.23 -1.05 -22.09
C HIS B 295 -11.62 -2.17 -22.93
N ALA B 296 -10.57 -2.81 -22.41
CA ALA B 296 -9.88 -3.90 -23.08
C ALA B 296 -10.88 -5.01 -23.34
N GLN B 297 -11.80 -5.23 -22.40
CA GLN B 297 -12.79 -6.27 -22.64
C GLN B 297 -14.01 -5.59 -23.27
N GLY B 298 -13.72 -4.56 -24.04
CA GLY B 298 -14.72 -3.78 -24.75
C GLY B 298 -15.88 -3.29 -23.94
N ASP B 299 -15.62 -2.47 -22.93
CA ASP B 299 -16.71 -1.96 -22.13
C ASP B 299 -17.24 -0.66 -22.74
N PRO B 300 -18.55 -0.59 -22.99
CA PRO B 300 -19.26 0.54 -23.58
C PRO B 300 -19.54 1.70 -22.60
N ALA B 301 -20.05 1.38 -21.42
CA ALA B 301 -20.42 2.38 -20.42
C ALA B 301 -19.29 3.25 -19.87
N LEU B 302 -18.06 3.10 -20.36
CA LEU B 302 -16.94 3.88 -19.84
C LEU B 302 -16.83 5.30 -20.39
N SER B 303 -16.54 6.25 -19.50
CA SER B 303 -16.39 7.65 -19.83
C SER B 303 -15.23 7.92 -20.75
N MET B 304 -15.31 9.03 -21.49
CA MET B 304 -14.26 9.38 -22.44
C MET B 304 -13.51 10.62 -21.99
N SER B 305 -13.79 11.07 -20.75
CA SER B 305 -13.14 12.27 -20.22
C SER B 305 -12.62 12.23 -18.79
N HIS B 306 -13.15 11.29 -17.99
CA HIS B 306 -12.77 11.19 -16.59
C HIS B 306 -12.52 9.78 -16.05
N TRP B 307 -11.90 9.71 -14.87
CA TRP B 307 -11.62 8.44 -14.20
C TRP B 307 -12.79 8.17 -13.32
N MET B 308 -13.02 6.92 -12.95
CA MET B 308 -14.14 6.57 -12.11
C MET B 308 -13.99 6.90 -10.61
N PHE B 309 -13.58 8.14 -10.36
CA PHE B 309 -13.42 8.70 -9.03
C PHE B 309 -13.54 10.23 -9.16
N HIS B 310 -13.82 10.92 -8.07
CA HIS B 310 -13.97 12.38 -8.11
C HIS B 310 -12.60 13.03 -8.26
N GLN B 311 -12.22 13.38 -9.50
CA GLN B 311 -10.92 14.02 -9.74
C GLN B 311 -10.79 15.36 -9.01
N GLN B 312 -11.91 16.06 -8.95
CA GLN B 312 -11.94 17.36 -8.34
C GLN B 312 -11.62 17.24 -6.86
N ALA B 313 -12.46 16.50 -6.15
CA ALA B 313 -12.29 16.32 -4.72
C ALA B 313 -10.87 15.88 -4.29
N LEU B 314 -10.26 14.98 -5.03
CA LEU B 314 -8.92 14.50 -4.68
C LEU B 314 -7.89 15.62 -4.84
N GLN B 315 -8.13 16.53 -5.78
CA GLN B 315 -7.18 17.61 -6.02
C GLN B 315 -7.34 18.66 -4.97
N GLU B 316 -8.56 18.80 -4.46
CA GLU B 316 -8.79 19.78 -3.43
C GLU B 316 -8.12 19.26 -2.18
N TYR B 317 -8.42 18.02 -1.82
CA TYR B 317 -7.82 17.41 -0.64
C TYR B 317 -6.31 17.65 -0.61
N ILE B 318 -5.64 17.21 -1.66
CA ILE B 318 -4.20 17.37 -1.77
C ILE B 318 -3.73 18.82 -1.70
N LEU B 319 -4.27 19.66 -2.58
CA LEU B 319 -3.86 21.05 -2.61
C LEU B 319 -4.11 21.78 -1.31
N MET B 320 -5.30 21.59 -0.75
CA MET B 320 -5.69 22.27 0.47
C MET B 320 -5.13 21.65 1.73
N CYS B 321 -5.28 20.33 1.86
CA CYS B 321 -4.83 19.63 3.08
C CYS B 321 -3.45 18.96 3.19
N CYS B 322 -2.87 18.51 2.08
CA CYS B 322 -1.59 17.80 2.13
C CYS B 322 -0.30 18.54 1.74
N GLN B 323 -0.32 19.86 1.73
CA GLN B 323 0.84 20.64 1.33
C GLN B 323 1.57 21.25 2.51
N CYS B 324 2.89 21.13 2.56
CA CYS B 324 3.67 21.71 3.66
C CYS B 324 4.16 23.09 3.23
N PRO B 325 3.87 24.11 4.02
CA PRO B 325 4.27 25.48 3.72
C PRO B 325 5.72 25.56 3.36
N ALA B 326 6.53 24.94 4.19
CA ALA B 326 7.96 24.94 3.99
C ALA B 326 8.41 24.07 2.81
N GLY B 327 7.49 23.35 2.21
CA GLY B 327 7.83 22.50 1.10
C GLY B 327 7.56 21.06 1.49
N GLY B 328 7.30 20.21 0.49
CA GLY B 328 7.03 18.82 0.75
C GLY B 328 5.56 18.65 1.01
N LEU B 329 5.06 17.44 0.80
CA LEU B 329 3.65 17.12 1.02
C LEU B 329 3.53 16.15 2.17
N LEU B 330 2.31 15.87 2.61
CA LEU B 330 2.17 14.99 3.73
C LEU B 330 0.89 14.18 3.80
N ASP B 331 0.87 13.27 4.78
CA ASP B 331 -0.24 12.37 5.02
C ASP B 331 -1.56 13.11 5.12
N LYS B 332 -1.65 13.96 6.13
CA LYS B 332 -2.85 14.75 6.33
C LYS B 332 -2.40 15.87 7.23
N PRO B 333 -3.25 16.86 7.50
CA PRO B 333 -2.84 17.97 8.35
C PRO B 333 -2.36 17.52 9.72
N GLY B 334 -1.23 18.08 10.15
CA GLY B 334 -0.63 17.73 11.43
C GLY B 334 0.56 16.82 11.25
N LYS B 335 0.43 15.87 10.33
CA LYS B 335 1.48 14.91 10.01
C LYS B 335 2.72 15.62 9.49
N SER B 336 3.89 15.00 9.60
CA SER B 336 5.12 15.62 9.15
C SER B 336 5.35 15.29 7.71
N ARG B 337 6.18 16.11 7.08
CA ARG B 337 6.51 15.96 5.68
C ARG B 337 7.67 15.00 5.43
N ASP B 338 7.61 14.32 4.29
CA ASP B 338 8.65 13.39 3.87
C ASP B 338 8.54 13.18 2.36
N PHE B 339 9.60 12.65 1.80
CA PHE B 339 9.68 12.43 0.38
C PHE B 339 8.74 11.37 -0.15
N TYR B 340 8.29 10.48 0.73
CA TYR B 340 7.39 9.43 0.27
C TYR B 340 6.01 10.00 -0.02
N HIS B 341 5.51 10.80 0.91
CA HIS B 341 4.22 11.43 0.69
C HIS B 341 4.35 12.52 -0.38
N THR B 342 5.53 13.12 -0.47
CA THR B 342 5.76 14.17 -1.43
C THR B 342 5.60 13.45 -2.77
N CYS B 343 6.34 12.37 -2.96
CA CYS B 343 6.28 11.61 -4.20
C CYS B 343 4.90 11.06 -4.53
N TYR B 344 4.13 10.68 -3.51
CA TYR B 344 2.82 10.12 -3.79
C TYR B 344 1.61 11.05 -3.84
N CYS B 345 1.67 12.19 -3.15
CA CYS B 345 0.57 13.15 -3.20
C CYS B 345 0.67 13.76 -4.60
N LEU B 346 1.89 14.05 -5.04
CA LEU B 346 2.09 14.62 -6.34
C LEU B 346 1.65 13.63 -7.41
N SER B 347 2.10 12.37 -7.29
CA SER B 347 1.74 11.35 -8.28
C SER B 347 0.20 11.25 -8.40
N GLY B 348 -0.48 11.39 -7.26
CA GLY B 348 -1.93 11.30 -7.27
C GLY B 348 -2.59 12.52 -7.86
N LEU B 349 -1.97 13.69 -7.66
CA LEU B 349 -2.52 14.93 -8.18
C LEU B 349 -2.52 14.77 -9.69
N SER B 350 -1.38 14.33 -10.21
CA SER B 350 -1.20 14.13 -11.62
C SER B 350 -2.17 13.12 -12.19
N ILE B 351 -2.48 12.09 -11.41
CA ILE B 351 -3.42 11.10 -11.90
C ILE B 351 -4.75 11.85 -12.04
N ALA B 352 -5.12 12.56 -10.97
CA ALA B 352 -6.37 13.34 -10.94
C ALA B 352 -6.54 14.43 -11.99
N GLN B 353 -5.42 15.01 -12.44
CA GLN B 353 -5.46 16.08 -13.44
C GLN B 353 -5.46 15.58 -14.87
N HIS B 354 -5.04 14.34 -15.07
CA HIS B 354 -4.96 13.88 -16.44
C HIS B 354 -5.68 12.61 -16.79
N PHE B 355 -6.58 12.71 -17.77
CA PHE B 355 -7.33 11.55 -18.24
C PHE B 355 -6.86 11.22 -19.65
N GLY B 356 -7.14 9.98 -20.05
CA GLY B 356 -6.80 9.48 -21.37
C GLY B 356 -7.75 8.34 -21.65
N SER B 357 -7.91 7.95 -22.93
CA SER B 357 -8.80 6.84 -23.30
C SER B 357 -8.69 6.55 -24.78
N GLY B 358 -7.46 6.48 -25.26
CA GLY B 358 -7.23 6.22 -26.66
C GLY B 358 -6.64 7.48 -27.29
N ALA B 359 -7.52 8.43 -27.60
CA ALA B 359 -7.11 9.70 -28.18
C ALA B 359 -7.89 10.81 -27.49
N MET B 360 -8.51 10.45 -26.36
CA MET B 360 -9.25 11.42 -25.54
C MET B 360 -8.23 12.05 -24.58
N LEU B 361 -8.46 13.29 -24.16
CA LEU B 361 -7.48 13.93 -23.25
C LEU B 361 -8.10 15.03 -22.37
N HIS B 362 -8.99 14.66 -21.45
CA HIS B 362 -9.63 15.65 -20.58
C HIS B 362 -8.91 15.90 -19.23
N ASP B 363 -7.91 16.75 -19.26
CA ASP B 363 -7.17 17.13 -18.07
C ASP B 363 -8.08 18.04 -17.25
N VAL B 364 -7.91 17.99 -15.93
CA VAL B 364 -8.70 18.77 -14.99
C VAL B 364 -7.72 19.39 -14.01
N VAL B 365 -7.42 20.67 -14.15
CA VAL B 365 -6.47 21.28 -13.25
C VAL B 365 -7.16 22.23 -12.27
N MET B 366 -7.10 21.88 -11.00
CA MET B 366 -7.66 22.67 -9.94
C MET B 366 -6.79 23.87 -9.61
N GLY B 367 -7.45 25.01 -9.47
CA GLY B 367 -6.77 26.24 -9.11
C GLY B 367 -5.85 26.75 -10.19
N VAL B 368 -4.89 27.55 -9.75
CA VAL B 368 -3.88 28.14 -10.61
C VAL B 368 -3.45 27.06 -11.60
N PRO B 369 -3.60 27.34 -12.92
CA PRO B 369 -3.24 26.40 -13.98
C PRO B 369 -1.78 26.04 -14.00
N GLU B 370 -1.02 26.64 -13.11
CA GLU B 370 0.41 26.39 -13.02
C GLU B 370 0.49 25.17 -12.12
N ASN B 371 -0.66 24.74 -11.64
CA ASN B 371 -0.73 23.60 -10.73
C ASN B 371 -0.63 22.25 -11.48
N VAL B 372 -0.80 22.27 -12.80
CA VAL B 372 -0.74 21.04 -13.57
C VAL B 372 0.65 20.41 -13.59
N LEU B 373 0.67 19.10 -13.39
CA LEU B 373 1.91 18.32 -13.35
C LEU B 373 2.16 17.50 -14.56
N GLN B 374 3.42 17.10 -14.75
CA GLN B 374 3.77 16.31 -15.90
C GLN B 374 3.02 15.01 -15.67
N PRO B 375 2.82 14.23 -16.72
CA PRO B 375 2.10 12.97 -16.55
C PRO B 375 2.92 11.83 -15.96
N THR B 376 2.22 10.84 -15.40
CA THR B 376 2.86 9.67 -14.85
C THR B 376 2.11 8.44 -15.31
N HIS B 377 2.86 7.38 -15.60
CA HIS B 377 2.34 6.09 -16.08
C HIS B 377 1.69 5.33 -14.90
N PRO B 378 0.38 5.01 -14.98
CA PRO B 378 -0.32 4.30 -13.90
C PRO B 378 0.12 2.91 -13.52
N VAL B 379 1.19 2.41 -14.12
CA VAL B 379 1.69 1.07 -13.78
C VAL B 379 3.07 1.21 -13.13
N TYR B 380 3.96 1.96 -13.76
CA TYR B 380 5.29 2.16 -13.25
C TYR B 380 5.46 3.36 -12.34
N ASN B 381 4.55 4.31 -12.49
CA ASN B 381 4.61 5.54 -11.73
C ASN B 381 5.87 6.32 -12.03
N ILE B 382 6.15 6.41 -13.33
CA ILE B 382 7.24 7.22 -13.82
C ILE B 382 6.61 7.79 -15.10
N GLY B 383 7.16 8.91 -15.56
CA GLY B 383 6.66 9.52 -16.78
C GLY B 383 6.48 8.52 -17.91
N PRO B 384 5.29 8.48 -18.49
CA PRO B 384 4.94 7.58 -19.60
C PRO B 384 5.98 7.61 -20.72
N ASP B 385 6.73 8.71 -20.83
CA ASP B 385 7.75 8.84 -21.87
C ASP B 385 9.03 8.07 -21.51
N LYS B 386 9.33 8.07 -20.23
CA LYS B 386 10.50 7.38 -19.70
C LYS B 386 10.27 5.90 -19.81
N VAL B 387 9.03 5.52 -19.55
CA VAL B 387 8.63 4.14 -19.64
C VAL B 387 8.89 3.69 -21.08
N ILE B 388 8.18 4.30 -22.03
CA ILE B 388 8.32 4.00 -23.45
C ILE B 388 9.77 4.02 -23.89
N GLN B 389 10.50 5.02 -23.46
CA GLN B 389 11.90 5.16 -23.83
C GLN B 389 12.76 4.02 -23.30
N ALA B 390 12.53 3.62 -22.05
CA ALA B 390 13.30 2.55 -21.44
C ALA B 390 13.02 1.17 -22.04
N THR B 391 11.75 0.76 -22.05
CA THR B 391 11.41 -0.56 -22.60
C THR B 391 12.00 -0.80 -23.98
N THR B 392 11.80 0.16 -24.87
CA THR B 392 12.31 0.03 -26.22
C THR B 392 13.83 -0.06 -26.27
N HIS B 393 14.51 0.69 -25.41
CA HIS B 393 15.97 0.66 -25.42
C HIS B 393 16.49 -0.70 -24.99
N PHE B 394 15.80 -1.31 -24.02
CA PHE B 394 16.19 -2.63 -23.52
C PHE B 394 15.64 -3.69 -24.45
N LEU B 395 14.65 -3.28 -25.23
CA LEU B 395 14.02 -4.18 -26.17
C LEU B 395 14.97 -4.56 -27.30
N GLN B 396 16.02 -3.76 -27.50
CA GLN B 396 16.99 -4.08 -28.54
C GLN B 396 18.11 -4.95 -27.97
N LYS B 397 17.81 -5.58 -26.84
CA LYS B 397 18.76 -6.47 -26.20
C LYS B 397 18.01 -7.78 -26.12
N PRO B 398 18.71 -8.91 -26.20
CA PRO B 398 17.99 -10.17 -26.11
C PRO B 398 17.71 -10.52 -24.62
N VAL B 399 16.54 -11.11 -24.39
CA VAL B 399 16.17 -11.52 -23.05
C VAL B 399 17.27 -12.47 -22.66
N PRO B 400 17.86 -12.31 -21.46
CA PRO B 400 18.93 -13.20 -21.01
C PRO B 400 18.50 -14.67 -21.03
N GLY B 401 18.58 -15.27 -22.22
CA GLY B 401 18.22 -16.65 -22.41
C GLY B 401 19.32 -17.58 -21.98
N PHE B 402 18.91 -18.67 -21.31
CA PHE B 402 19.94 -19.66 -20.83
C PHE B 402 19.50 -21.21 -20.75
#